data_4TXJ
#
_entry.id   4TXJ
#
_cell.length_a   95.820
_cell.length_b   108.080
_cell.length_c   116.060
_cell.angle_alpha   90.000
_cell.angle_beta   90.000
_cell.angle_gamma   90.000
#
_symmetry.space_group_name_H-M   'P 21 21 21'
#
loop_
_entity.id
_entity.type
_entity.pdbx_description
1 polymer 'Uridine phosphorylase'
2 non-polymer THYMIDINE
3 non-polymer 'SULFATE ION'
4 water water
#
_entity_poly.entity_id   1
_entity_poly.type   'polypeptide(L)'
_entity_poly.pdbx_seq_one_letter_code
;MATVQPIVNSHLSELDEDVFHHFGFTTKSFDFKEKFGDVKFVCVCGSSGRIHNFAISMAKLAGLALPVENIAGSHARFVL
YKVDHILFADHGMGIPSALIMLHEVTKLLHYAGCKDVLFIRLGTSGGLGVKPGTIVLSDRCVNTKLEPYNELCILGKPVR
RQTIVDLNTVNELKKLSENLSLECSVVVGGTIAANDFYEEQGRLDGSICTFSKEEKLAFLQSAYEHGIRNMEMEGTAITS
HCYLTGHRAILVCVTAVNRLEGDQITISTDEFTLFAQRPGQLVGEYLKRNNGIIVR
;
_entity_poly.pdbx_strand_id   A,B,C,D
#
# COMPACT_ATOMS: atom_id res chain seq x y z
N ILE A 7 21.05 36.77 -11.03
CA ILE A 7 19.90 37.26 -10.27
C ILE A 7 20.22 37.41 -8.78
N VAL A 8 20.45 38.65 -8.36
CA VAL A 8 20.77 38.92 -6.96
C VAL A 8 19.62 39.65 -6.25
N ASN A 9 19.29 39.17 -5.06
CA ASN A 9 18.31 39.86 -4.23
C ASN A 9 18.76 41.28 -3.96
N SER A 10 18.06 42.24 -4.56
CA SER A 10 18.45 43.64 -4.53
C SER A 10 18.40 44.24 -3.14
N HIS A 11 17.74 43.55 -2.21
CA HIS A 11 17.59 44.06 -0.86
C HIS A 11 18.86 43.88 0.00
N LEU A 12 19.72 42.96 -0.41
CA LEU A 12 20.87 42.62 0.43
C LEU A 12 21.87 43.79 0.66
N SER A 13 22.17 44.54 -0.39
CA SER A 13 23.16 45.61 -0.27
C SER A 13 22.66 46.73 0.65
N GLU A 14 21.36 46.76 0.90
CA GLU A 14 20.77 47.75 1.79
C GLU A 14 21.04 47.43 3.26
N LEU A 15 21.59 46.26 3.53
CA LEU A 15 22.00 45.90 4.89
C LEU A 15 23.43 46.36 5.10
N ASP A 16 23.70 46.93 6.26
CA ASP A 16 25.06 47.34 6.58
C ASP A 16 25.87 46.15 7.07
N GLU A 17 25.16 45.20 7.68
CA GLU A 17 25.75 43.92 8.10
C GLU A 17 24.69 42.87 7.83
N ASP A 18 25.10 41.71 7.36
CA ASP A 18 24.14 40.62 7.13
C ASP A 18 24.42 39.55 8.15
N VAL A 19 23.42 39.27 9.00
CA VAL A 19 23.57 38.26 10.05
C VAL A 19 23.04 36.91 9.56
N PHE A 20 23.91 35.91 9.53
CA PHE A 20 23.53 34.55 9.15
C PHE A 20 23.05 33.85 10.42
N HIS A 21 21.78 34.06 10.72
CA HIS A 21 21.27 33.67 12.03
C HIS A 21 21.54 32.21 12.38
N HIS A 22 21.35 31.32 11.41
CA HIS A 22 21.37 29.89 11.72
C HIS A 22 22.78 29.31 11.72
N PHE A 23 23.74 30.12 11.28
CA PHE A 23 25.14 29.72 11.36
C PHE A 23 25.92 30.50 12.43
N GLY A 24 25.26 31.48 13.04
CA GLY A 24 25.88 32.21 14.14
C GLY A 24 27.11 33.03 13.79
N PHE A 25 27.10 33.64 12.60
CA PHE A 25 28.10 34.65 12.26
C PHE A 25 27.52 35.69 11.31
N THR A 26 28.31 36.71 10.98
CA THR A 26 27.82 37.78 10.10
C THR A 26 28.85 38.10 9.03
N THR A 27 28.50 39.01 8.13
CA THR A 27 29.44 39.44 7.09
C THR A 27 30.62 40.21 7.68
N LYS A 28 30.54 40.59 8.94
CA LYS A 28 31.65 41.28 9.59
C LYS A 28 32.59 40.33 10.33
N SER A 29 32.18 39.06 10.42
CA SER A 29 32.94 38.05 11.13
C SER A 29 34.22 37.65 10.39
N PHE A 30 34.14 37.61 9.06
CA PHE A 30 35.28 37.24 8.23
C PHE A 30 35.33 38.13 7.00
N ASP A 31 36.47 38.08 6.30
CA ASP A 31 36.56 38.56 4.93
C ASP A 31 36.06 37.40 4.06
N PHE A 32 34.81 37.51 3.60
CA PHE A 32 34.17 36.38 2.90
C PHE A 32 34.87 35.99 1.60
N LYS A 33 35.31 37.00 0.85
CA LYS A 33 36.04 36.72 -0.38
C LYS A 33 37.33 35.93 -0.10
N GLU A 34 38.09 36.37 0.89
CA GLU A 34 39.36 35.70 1.19
C GLU A 34 39.12 34.32 1.78
N LYS A 35 38.11 34.24 2.66
CA LYS A 35 37.86 33.01 3.39
C LYS A 35 37.15 31.96 2.55
N PHE A 36 36.15 32.35 1.78
CA PHE A 36 35.34 31.38 1.06
C PHE A 36 35.44 31.45 -0.46
N GLY A 37 36.22 32.39 -0.99
CA GLY A 37 36.17 32.66 -2.42
C GLY A 37 36.53 31.50 -3.33
N ASP A 38 37.24 30.52 -2.79
CA ASP A 38 37.71 29.38 -3.57
C ASP A 38 36.76 28.19 -3.52
N VAL A 39 35.65 28.33 -2.80
CA VAL A 39 34.68 27.23 -2.73
C VAL A 39 34.06 26.87 -4.09
N LYS A 40 34.07 25.58 -4.42
CA LYS A 40 33.44 25.12 -5.65
C LYS A 40 32.43 24.00 -5.42
N PHE A 41 32.43 23.45 -4.20
CA PHE A 41 31.51 22.37 -3.83
C PHE A 41 30.94 22.63 -2.45
N VAL A 42 29.68 22.25 -2.26
CA VAL A 42 29.11 22.27 -0.91
C VAL A 42 28.45 20.92 -0.67
N CYS A 43 28.95 20.17 0.31
CA CYS A 43 28.39 18.86 0.63
C CYS A 43 27.52 19.00 1.85
N VAL A 44 26.29 18.47 1.78
CA VAL A 44 25.35 18.64 2.88
C VAL A 44 24.67 17.32 3.20
N CYS A 45 24.21 17.17 4.44
CA CYS A 45 23.30 16.09 4.78
C CYS A 45 22.53 16.46 6.04
N GLY A 46 21.64 15.59 6.48
CA GLY A 46 20.77 15.91 7.59
C GLY A 46 21.42 15.85 8.96
N SER A 47 22.58 15.23 9.03
CA SER A 47 23.24 14.97 10.30
C SER A 47 24.56 15.73 10.52
N SER A 48 24.64 16.51 11.59
CA SER A 48 25.86 17.26 11.90
C SER A 48 27.05 16.32 12.10
N GLY A 49 26.84 15.23 12.83
CA GLY A 49 27.92 14.29 13.10
C GLY A 49 28.42 13.61 11.82
N ARG A 50 27.48 13.22 10.96
CA ARG A 50 27.85 12.56 9.71
CA ARG A 50 27.86 12.57 9.72
C ARG A 50 28.63 13.51 8.79
N ILE A 51 28.19 14.75 8.67
CA ILE A 51 28.88 15.69 7.78
C ILE A 51 30.24 16.12 8.35
N HIS A 52 30.32 16.22 9.66
CA HIS A 52 31.59 16.45 10.34
C HIS A 52 32.57 15.31 10.06
N ASN A 53 32.12 14.07 10.20
CA ASN A 53 33.01 12.94 9.94
C ASN A 53 33.42 12.88 8.47
N PHE A 54 32.53 13.33 7.58
CA PHE A 54 32.87 13.36 6.17
C PHE A 54 33.94 14.40 5.89
N ALA A 55 33.80 15.58 6.48
CA ALA A 55 34.81 16.61 6.35
C ALA A 55 36.17 16.11 6.83
N ILE A 56 36.19 15.42 7.98
CA ILE A 56 37.44 14.87 8.49
C ILE A 56 38.02 13.87 7.49
N SER A 57 37.16 13.01 6.93
CA SER A 57 37.64 12.03 5.97
C SER A 57 38.25 12.72 4.76
N MET A 58 37.63 13.82 4.31
CA MET A 58 38.15 14.52 3.14
C MET A 58 39.48 15.20 3.49
N ALA A 59 39.60 15.70 4.72
CA ALA A 59 40.85 16.32 5.15
C ALA A 59 41.99 15.30 5.16
N LYS A 60 41.69 14.08 5.59
CA LYS A 60 42.70 13.04 5.61
C LYS A 60 43.12 12.62 4.19
N LEU A 61 42.15 12.56 3.28
CA LEU A 61 42.47 12.28 1.87
C LEU A 61 43.34 13.38 1.29
N ALA A 62 43.12 14.60 1.78
CA ALA A 62 43.89 15.76 1.30
C ALA A 62 45.28 15.82 1.91
N GLY A 63 45.57 14.92 2.85
CA GLY A 63 46.87 14.91 3.48
C GLY A 63 47.03 16.12 4.37
N LEU A 64 45.89 16.63 4.83
CA LEU A 64 45.88 17.71 5.80
C LEU A 64 46.11 17.14 7.19
N ALA A 65 47.03 17.75 7.92
CA ALA A 65 47.27 17.36 9.30
C ALA A 65 46.98 18.54 10.22
N LEU A 66 45.82 19.15 10.01
CA LEU A 66 45.40 20.27 10.83
C LEU A 66 43.90 20.16 11.14
N PRO A 67 43.50 20.63 12.33
CA PRO A 67 42.14 20.44 12.87
C PRO A 67 41.07 20.96 11.93
N VAL A 68 40.00 20.19 11.80
CA VAL A 68 38.87 20.57 10.98
C VAL A 68 37.88 21.28 11.90
N GLU A 69 37.91 22.61 11.86
CA GLU A 69 37.21 23.44 12.82
C GLU A 69 35.83 23.87 12.35
N ASN A 70 34.86 23.79 13.26
CA ASN A 70 33.51 24.27 12.97
C ASN A 70 33.56 25.79 12.90
N ILE A 71 33.21 26.33 11.74
CA ILE A 71 33.23 27.76 11.44
C ILE A 71 31.99 28.44 12.03
N ALA A 72 30.93 27.68 12.22
CA ALA A 72 29.70 28.24 12.79
C ALA A 72 29.84 28.56 14.27
N GLY A 73 28.96 29.42 14.75
CA GLY A 73 28.90 29.76 16.16
C GLY A 73 28.48 28.60 17.05
N SER A 74 28.85 28.66 18.32
CA SER A 74 28.62 27.55 19.24
C SER A 74 27.15 27.30 19.55
N HIS A 75 26.32 28.34 19.47
CA HIS A 75 24.88 28.18 19.66
C HIS A 75 24.08 28.12 18.36
N ALA A 76 24.77 27.92 17.24
CA ALA A 76 24.12 27.92 15.94
C ALA A 76 23.33 26.65 15.72
N ARG A 77 22.35 26.71 14.83
CA ARG A 77 21.54 25.54 14.53
C ARG A 77 22.30 24.56 13.65
N PHE A 78 23.19 25.09 12.80
CA PHE A 78 23.91 24.28 11.82
C PHE A 78 25.42 24.34 12.06
N VAL A 79 26.13 23.36 11.51
CA VAL A 79 27.59 23.38 11.53
C VAL A 79 28.08 23.72 10.15
N LEU A 80 29.33 24.16 10.08
CA LEU A 80 29.95 24.50 8.79
C LEU A 80 31.46 24.23 8.87
N TYR A 81 31.96 23.39 7.95
CA TYR A 81 33.39 23.12 7.86
C TYR A 81 33.90 23.46 6.48
N LYS A 82 35.19 23.75 6.38
CA LYS A 82 35.80 23.93 5.06
C LYS A 82 37.05 23.09 4.94
N VAL A 83 37.13 22.33 3.86
CA VAL A 83 38.35 21.59 3.53
C VAL A 83 38.71 21.95 2.09
N ASP A 84 39.83 22.65 1.92
CA ASP A 84 40.22 23.11 0.59
C ASP A 84 39.03 23.78 -0.14
N HIS A 85 38.62 23.25 -1.28
CA HIS A 85 37.56 23.92 -2.06
C HIS A 85 36.13 23.44 -1.78
N ILE A 86 35.93 22.76 -0.65
CA ILE A 86 34.63 22.19 -0.29
C ILE A 86 34.13 22.77 1.02
N LEU A 87 32.88 23.21 1.05
CA LEU A 87 32.21 23.54 2.30
C LEU A 87 31.33 22.37 2.70
N PHE A 88 31.12 22.19 4.00
CA PHE A 88 30.33 21.07 4.51
C PHE A 88 29.34 21.65 5.53
N ALA A 89 28.05 21.39 5.35
CA ALA A 89 27.04 21.90 6.29
C ALA A 89 25.97 20.85 6.49
N ASP A 90 25.32 20.87 7.65
CA ASP A 90 24.16 20.03 7.83
C ASP A 90 22.88 20.84 7.50
N HIS A 91 21.76 20.14 7.39
CA HIS A 91 20.52 20.81 7.00
C HIS A 91 19.28 20.33 7.75
N GLY A 92 19.48 19.50 8.77
CA GLY A 92 18.35 18.92 9.47
C GLY A 92 17.48 18.06 8.58
N MET A 93 16.26 17.78 9.01
CA MET A 93 15.34 16.95 8.24
C MET A 93 14.15 17.74 7.71
N GLY A 94 13.90 17.63 6.40
CA GLY A 94 12.74 18.27 5.82
C GLY A 94 13.03 19.52 5.00
N ILE A 95 12.14 19.80 4.07
CA ILE A 95 12.28 20.90 3.14
C ILE A 95 12.45 22.28 3.82
N PRO A 96 11.64 22.57 4.85
CA PRO A 96 11.77 23.89 5.49
C PRO A 96 13.15 24.09 6.11
N SER A 97 13.64 23.07 6.79
CA SER A 97 14.96 23.15 7.41
C SER A 97 16.05 23.28 6.34
N ALA A 98 15.94 22.48 5.28
CA ALA A 98 16.90 22.55 4.18
C ALA A 98 16.91 23.93 3.53
N LEU A 99 15.74 24.55 3.45
CA LEU A 99 15.63 25.85 2.80
C LEU A 99 16.34 26.92 3.64
N ILE A 100 16.34 26.75 4.96
CA ILE A 100 17.08 27.70 5.81
C ILE A 100 18.57 27.63 5.48
N MET A 101 19.12 26.42 5.44
CA MET A 101 20.54 26.23 5.10
C MET A 101 20.81 26.76 3.71
N LEU A 102 19.91 26.48 2.77
CA LEU A 102 20.12 26.90 1.38
C LEU A 102 20.18 28.42 1.26
N HIS A 103 19.26 29.10 1.92
CA HIS A 103 19.25 30.56 1.83
C HIS A 103 20.54 31.12 2.40
N GLU A 104 20.94 30.63 3.56
CA GLU A 104 22.13 31.19 4.20
C GLU A 104 23.45 30.81 3.48
N VAL A 105 23.56 29.57 3.03
CA VAL A 105 24.77 29.17 2.31
C VAL A 105 24.88 29.88 0.97
N THR A 106 23.78 29.96 0.21
CA THR A 106 23.87 30.64 -1.08
C THR A 106 24.17 32.14 -0.91
N LYS A 107 23.69 32.75 0.17
CA LYS A 107 24.09 34.14 0.43
C LYS A 107 25.58 34.21 0.71
N LEU A 108 26.08 33.26 1.50
CA LEU A 108 27.52 33.23 1.80
C LEU A 108 28.33 33.16 0.51
N LEU A 109 27.93 32.28 -0.39
CA LEU A 109 28.63 32.12 -1.66
C LEU A 109 28.59 33.40 -2.47
N HIS A 110 27.44 34.07 -2.48
CA HIS A 110 27.31 35.37 -3.13
C HIS A 110 28.30 36.41 -2.61
N TYR A 111 28.36 36.55 -1.29
CA TYR A 111 29.25 37.55 -0.69
C TYR A 111 30.71 37.22 -0.98
N ALA A 112 30.99 35.93 -1.13
CA ALA A 112 32.34 35.44 -1.35
C ALA A 112 32.72 35.47 -2.82
N GLY A 113 31.74 35.75 -3.68
CA GLY A 113 31.99 35.82 -5.11
C GLY A 113 32.13 34.48 -5.81
N CYS A 114 31.61 33.43 -5.18
CA CYS A 114 31.65 32.08 -5.74
C CYS A 114 30.57 31.88 -6.80
N LYS A 115 30.96 31.41 -7.98
CA LYS A 115 30.03 31.23 -9.07
C LYS A 115 29.88 29.75 -9.44
N ASP A 116 28.66 29.34 -9.77
CA ASP A 116 28.41 28.01 -10.34
C ASP A 116 29.00 26.91 -9.48
N VAL A 117 28.58 26.88 -8.22
CA VAL A 117 29.05 25.91 -7.27
C VAL A 117 28.15 24.68 -7.34
N LEU A 118 28.74 23.51 -7.11
CA LEU A 118 27.96 22.27 -7.05
C LEU A 118 27.59 21.87 -5.62
N PHE A 119 26.30 21.80 -5.34
CA PHE A 119 25.80 21.30 -4.07
C PHE A 119 25.60 19.81 -4.19
N ILE A 120 26.07 19.07 -3.20
CA ILE A 120 25.91 17.63 -3.21
C ILE A 120 25.25 17.21 -1.92
N ARG A 121 24.03 16.69 -2.01
CA ARG A 121 23.37 16.16 -0.80
C ARG A 121 23.72 14.68 -0.68
N LEU A 122 24.29 14.32 0.47
CA LEU A 122 24.72 12.95 0.74
C LEU A 122 23.80 12.42 1.81
N GLY A 123 22.72 11.78 1.40
CA GLY A 123 21.66 11.49 2.35
C GLY A 123 21.37 10.01 2.52
N THR A 124 20.35 9.75 3.33
CA THR A 124 19.78 8.42 3.44
C THR A 124 18.36 8.49 2.92
N SER A 125 17.76 7.33 2.69
CA SER A 125 16.47 7.28 2.01
C SER A 125 15.86 5.90 2.11
N GLY A 126 14.56 5.84 1.81
CA GLY A 126 13.90 4.57 1.61
C GLY A 126 14.05 4.15 0.16
N GLY A 127 14.49 2.92 -0.08
CA GLY A 127 14.60 2.41 -1.43
C GLY A 127 13.28 1.86 -1.95
N LEU A 128 13.12 1.86 -3.28
CA LEU A 128 11.97 1.21 -3.92
C LEU A 128 12.49 0.19 -4.92
N GLY A 129 12.44 -1.08 -4.56
CA GLY A 129 12.86 -2.11 -5.49
C GLY A 129 14.38 -2.25 -5.65
N VAL A 130 15.11 -1.74 -4.67
CA VAL A 130 16.55 -1.97 -4.59
C VAL A 130 16.93 -2.45 -3.19
N LYS A 131 18.08 -3.12 -3.13
CA LYS A 131 18.60 -3.72 -1.90
C LYS A 131 19.01 -2.63 -0.93
N PRO A 132 18.74 -2.84 0.37
CA PRO A 132 19.27 -1.87 1.33
C PRO A 132 20.79 -1.71 1.19
N GLY A 133 21.27 -0.48 1.31
CA GLY A 133 22.70 -0.22 1.17
C GLY A 133 23.07 0.25 -0.23
N THR A 134 22.08 0.32 -1.11
CA THR A 134 22.29 0.81 -2.48
C THR A 134 22.42 2.32 -2.53
N ILE A 135 23.35 2.82 -3.35
CA ILE A 135 23.45 4.26 -3.59
C ILE A 135 22.55 4.62 -4.77
N VAL A 136 21.66 5.58 -4.58
CA VAL A 136 20.85 6.08 -5.66
C VAL A 136 21.31 7.47 -6.05
N LEU A 137 21.68 7.62 -7.32
CA LEU A 137 21.99 8.91 -7.88
C LEU A 137 20.70 9.42 -8.51
N SER A 138 20.13 10.49 -7.95
CA SER A 138 18.84 10.96 -8.45
C SER A 138 19.02 11.54 -9.86
N ASP A 139 18.16 11.14 -10.79
CA ASP A 139 18.13 11.81 -12.08
C ASP A 139 16.94 12.77 -12.22
N ARG A 140 16.10 12.81 -11.18
CA ARG A 140 15.05 13.82 -11.06
C ARG A 140 14.57 13.79 -9.62
N CYS A 141 14.13 14.94 -9.14
CA CYS A 141 13.57 15.04 -7.79
C CYS A 141 12.13 15.51 -7.92
N VAL A 142 11.21 14.74 -7.37
CA VAL A 142 9.79 15.07 -7.54
C VAL A 142 9.09 15.07 -6.19
N ASN A 143 7.94 15.71 -6.14
CA ASN A 143 7.09 15.64 -4.95
C ASN A 143 6.29 14.34 -4.88
N THR A 144 5.41 14.23 -3.89
CA THR A 144 4.65 13.00 -3.69
C THR A 144 3.59 12.74 -4.77
N LYS A 145 3.35 13.75 -5.61
CA LYS A 145 2.48 13.58 -6.77
C LYS A 145 3.30 13.30 -8.02
N LEU A 146 4.61 13.08 -7.83
CA LEU A 146 5.56 12.80 -8.90
C LEU A 146 5.82 13.98 -9.84
N GLU A 147 5.60 15.21 -9.36
CA GLU A 147 5.82 16.42 -10.17
C GLU A 147 7.20 17.02 -9.85
N PRO A 148 7.96 17.43 -10.89
CA PRO A 148 9.32 17.93 -10.65
C PRO A 148 9.34 19.41 -10.24
N TYR A 149 8.73 19.70 -9.10
CA TYR A 149 8.58 21.07 -8.60
C TYR A 149 8.63 21.07 -7.09
N ASN A 150 9.21 22.14 -6.53
CA ASN A 150 9.03 22.44 -5.12
C ASN A 150 7.91 23.46 -5.01
N GLU A 151 6.99 23.24 -4.07
CA GLU A 151 5.87 24.17 -3.89
C GLU A 151 6.13 25.05 -2.68
N LEU A 152 5.78 26.33 -2.81
CA LEU A 152 5.96 27.26 -1.70
C LEU A 152 4.71 28.11 -1.57
N CYS A 153 4.55 28.74 -0.41
CA CYS A 153 3.44 29.64 -0.21
C CYS A 153 4.07 30.94 0.27
N ILE A 154 4.13 31.92 -0.62
CA ILE A 154 4.89 33.13 -0.37
C ILE A 154 3.95 34.32 -0.30
N LEU A 155 3.96 35.00 0.84
CA LEU A 155 2.95 36.01 1.17
C LEU A 155 1.54 35.46 1.01
N GLY A 156 1.38 34.17 1.32
CA GLY A 156 0.08 33.54 1.28
C GLY A 156 -0.40 33.15 -0.11
N LYS A 157 0.49 33.21 -1.10
CA LYS A 157 0.18 32.87 -2.48
C LYS A 157 1.01 31.68 -2.97
N PRO A 158 0.37 30.74 -3.69
CA PRO A 158 1.12 29.56 -4.14
C PRO A 158 2.14 29.85 -5.24
N VAL A 159 3.30 29.23 -5.12
CA VAL A 159 4.40 29.40 -6.05
C VAL A 159 5.00 28.03 -6.28
N ARG A 160 5.48 27.76 -7.49
CA ARG A 160 6.21 26.51 -7.68
C ARG A 160 7.48 26.75 -8.47
N ARG A 161 8.51 25.98 -8.12
CA ARG A 161 9.83 26.16 -8.72
C ARG A 161 10.33 24.81 -9.23
N GLN A 162 10.75 24.79 -10.49
CA GLN A 162 11.16 23.54 -11.13
C GLN A 162 12.41 22.96 -10.49
N THR A 163 12.48 21.63 -10.43
CA THR A 163 13.66 20.97 -9.92
C THR A 163 14.57 20.61 -11.09
N ILE A 164 15.86 20.91 -10.95
CA ILE A 164 16.85 20.64 -11.98
C ILE A 164 18.07 19.96 -11.37
N VAL A 165 18.27 18.69 -11.74
CA VAL A 165 19.44 17.93 -11.30
C VAL A 165 20.56 18.14 -12.32
N ASP A 166 21.79 18.23 -11.85
CA ASP A 166 22.97 18.34 -12.72
C ASP A 166 23.29 16.98 -13.33
N LEU A 167 22.65 16.64 -14.43
CA LEU A 167 22.77 15.30 -15.01
C LEU A 167 24.18 14.99 -15.51
N ASN A 168 24.92 15.99 -15.96
CA ASN A 168 26.29 15.75 -16.40
C ASN A 168 27.10 15.15 -15.26
N THR A 169 26.94 15.71 -14.07
CA THR A 169 27.66 15.23 -12.91
C THR A 169 27.15 13.86 -12.47
N VAL A 170 25.84 13.67 -12.51
CA VAL A 170 25.29 12.34 -12.25
C VAL A 170 25.94 11.30 -13.14
N ASN A 171 26.07 11.61 -14.43
CA ASN A 171 26.67 10.66 -15.36
C ASN A 171 28.13 10.39 -15.03
N GLU A 172 28.87 11.44 -14.65
CA GLU A 172 30.26 11.26 -14.25
C GLU A 172 30.39 10.37 -13.02
N LEU A 173 29.47 10.54 -12.06
CA LEU A 173 29.49 9.69 -10.87
C LEU A 173 29.17 8.24 -11.19
N LYS A 174 28.21 8.00 -12.08
CA LYS A 174 27.91 6.64 -12.48
C LYS A 174 29.12 6.00 -13.15
N LYS A 175 29.73 6.72 -14.09
CA LYS A 175 30.93 6.22 -14.77
C LYS A 175 32.01 5.90 -13.75
N LEU A 176 32.20 6.79 -12.77
CA LEU A 176 33.21 6.59 -11.74
C LEU A 176 32.92 5.31 -10.95
N SER A 177 31.66 5.12 -10.55
CA SER A 177 31.29 3.93 -9.81
C SER A 177 31.61 2.66 -10.62
N GLU A 178 31.58 2.75 -11.95
CA GLU A 178 31.83 1.60 -12.80
C GLU A 178 33.32 1.25 -12.83
N ASN A 179 34.15 2.20 -12.39
CA ASN A 179 35.59 2.05 -12.43
C ASN A 179 36.18 1.88 -11.03
N LEU A 180 35.32 1.91 -10.03
CA LEU A 180 35.74 1.67 -8.66
C LEU A 180 35.29 0.28 -8.22
N SER A 181 35.91 -0.23 -7.15
CA SER A 181 35.49 -1.48 -6.56
C SER A 181 34.66 -1.17 -5.33
N LEU A 182 33.36 -0.96 -5.51
CA LEU A 182 32.48 -0.64 -4.40
C LEU A 182 31.79 -1.91 -3.86
N GLU A 183 31.36 -1.86 -2.62
CA GLU A 183 30.71 -3.00 -2.00
C GLU A 183 29.19 -2.95 -2.17
N CYS A 184 28.72 -1.97 -2.94
CA CYS A 184 27.30 -1.78 -3.10
C CYS A 184 26.98 -1.50 -4.56
N SER A 185 25.69 -1.54 -4.91
CA SER A 185 25.25 -1.17 -6.25
C SER A 185 25.07 0.34 -6.31
N VAL A 186 25.28 0.93 -7.49
CA VAL A 186 24.96 2.33 -7.73
C VAL A 186 23.90 2.40 -8.83
N VAL A 187 22.76 2.99 -8.51
CA VAL A 187 21.64 3.02 -9.43
C VAL A 187 21.25 4.45 -9.71
N VAL A 188 20.96 4.77 -10.97
CA VAL A 188 20.43 6.09 -11.32
C VAL A 188 18.92 5.98 -11.45
N GLY A 189 18.20 6.82 -10.71
CA GLY A 189 16.75 6.78 -10.75
C GLY A 189 16.13 8.00 -10.12
N GLY A 190 14.80 8.06 -10.11
CA GLY A 190 14.10 9.22 -9.59
C GLY A 190 13.93 9.17 -8.09
N THR A 191 13.73 10.34 -7.50
CA THR A 191 13.63 10.42 -6.04
C THR A 191 12.44 11.25 -5.61
N ILE A 192 11.62 10.71 -4.72
CA ILE A 192 10.50 11.47 -4.15
C ILE A 192 10.95 12.18 -2.88
N ALA A 193 10.58 13.45 -2.75
CA ALA A 193 10.78 14.17 -1.50
C ALA A 193 9.41 14.32 -0.83
N ALA A 194 9.31 13.91 0.43
CA ALA A 194 8.06 13.93 1.20
C ALA A 194 8.20 14.90 2.38
N ASN A 195 7.06 15.35 2.90
CA ASN A 195 7.01 16.32 4.00
C ASN A 195 6.72 15.68 5.36
N ASP A 196 6.99 14.38 5.46
CA ASP A 196 6.97 13.66 6.72
C ASP A 196 7.68 12.34 6.46
N PHE A 197 7.99 11.61 7.52
CA PHE A 197 8.67 10.32 7.41
C PHE A 197 7.65 9.21 7.27
N TYR A 198 6.47 9.40 7.85
CA TYR A 198 5.50 8.32 7.99
C TYR A 198 4.37 8.37 6.95
N GLU A 199 3.37 9.20 7.18
CA GLU A 199 2.18 9.17 6.33
C GLU A 199 2.45 9.54 4.87
N GLU A 200 3.25 10.58 4.65
CA GLU A 200 3.51 11.04 3.28
C GLU A 200 4.40 10.07 2.53
N GLN A 201 5.11 9.22 3.27
CA GLN A 201 5.94 8.20 2.63
C GLN A 201 5.20 6.86 2.51
N GLY A 202 3.92 6.88 2.83
CA GLY A 202 3.10 5.69 2.70
C GLY A 202 3.38 4.63 3.75
N ARG A 203 3.91 5.03 4.91
CA ARG A 203 4.19 4.04 5.96
C ARG A 203 2.94 3.69 6.74
N LEU A 204 2.80 2.42 7.10
CA LEU A 204 1.68 1.97 7.92
C LEU A 204 1.97 2.05 9.42
N ASP A 205 3.21 2.41 9.78
CA ASP A 205 3.66 2.28 11.16
C ASP A 205 3.79 3.62 11.90
N GLY A 206 3.12 4.66 11.42
CA GLY A 206 3.12 5.92 12.12
C GLY A 206 2.16 5.91 13.30
N SER A 207 1.97 7.05 13.94
CA SER A 207 0.99 7.16 15.02
C SER A 207 -0.43 7.33 14.47
N ILE A 208 -0.51 7.74 13.21
CA ILE A 208 -1.76 7.87 12.48
C ILE A 208 -1.61 7.19 11.13
N CYS A 209 -2.62 6.41 10.72
CA CYS A 209 -2.62 5.87 9.36
C CYS A 209 -4.05 5.81 8.84
N THR A 210 -4.31 6.53 7.75
CA THR A 210 -5.67 6.62 7.21
C THR A 210 -5.85 5.82 5.93
N PHE A 211 -4.87 4.99 5.60
CA PHE A 211 -4.95 4.20 4.38
C PHE A 211 -4.71 2.71 4.61
N SER A 212 -5.12 1.91 3.65
CA SER A 212 -4.95 0.47 3.72
C SER A 212 -3.62 0.06 3.10
N LYS A 213 -3.22 -1.18 3.36
CA LYS A 213 -2.05 -1.75 2.71
C LYS A 213 -2.18 -1.79 1.19
N GLU A 214 -3.39 -1.97 0.68
CA GLU A 214 -3.62 -1.95 -0.77
C GLU A 214 -3.42 -0.56 -1.37
N GLU A 215 -3.91 0.46 -0.69
CA GLU A 215 -3.72 1.83 -1.15
C GLU A 215 -2.23 2.22 -1.12
N LYS A 216 -1.54 1.79 -0.07
CA LYS A 216 -0.11 2.00 0.05
C LYS A 216 0.67 1.36 -1.10
N LEU A 217 0.36 0.10 -1.41
CA LEU A 217 1.08 -0.62 -2.45
C LEU A 217 0.86 0.04 -3.80
N ALA A 218 -0.36 0.49 -4.04
CA ALA A 218 -0.69 1.13 -5.30
C ALA A 218 0.15 2.39 -5.46
N PHE A 219 0.31 3.13 -4.38
CA PHE A 219 1.08 4.37 -4.39
C PHE A 219 2.56 4.07 -4.67
N LEU A 220 3.13 3.11 -3.96
CA LEU A 220 4.54 2.78 -4.14
C LEU A 220 4.84 2.10 -5.48
N GLN A 221 3.96 1.20 -5.92
CA GLN A 221 4.13 0.56 -7.22
C GLN A 221 4.06 1.57 -8.35
N SER A 222 3.11 2.50 -8.26
CA SER A 222 3.01 3.57 -9.25
C SER A 222 4.31 4.36 -9.32
N ALA A 223 4.83 4.74 -8.15
CA ALA A 223 6.09 5.46 -8.10
C ALA A 223 7.19 4.68 -8.80
N TYR A 224 7.31 3.39 -8.45
CA TYR A 224 8.34 2.56 -9.06
C TYR A 224 8.20 2.49 -10.58
N GLU A 225 6.97 2.33 -11.06
CA GLU A 225 6.74 2.24 -12.49
C GLU A 225 7.06 3.56 -13.20
N HIS A 226 7.03 4.65 -12.45
CA HIS A 226 7.41 5.96 -12.98
C HIS A 226 8.89 6.27 -12.78
N GLY A 227 9.65 5.23 -12.45
CA GLY A 227 11.10 5.35 -12.39
C GLY A 227 11.67 5.75 -11.04
N ILE A 228 10.81 5.90 -10.04
CA ILE A 228 11.29 6.24 -8.70
C ILE A 228 12.03 5.04 -8.07
N ARG A 229 13.19 5.31 -7.48
CA ARG A 229 13.98 4.26 -6.83
C ARG A 229 14.29 4.58 -5.37
N ASN A 230 13.99 5.80 -4.93
CA ASN A 230 14.10 6.12 -3.51
C ASN A 230 13.26 7.31 -3.06
N MET A 231 13.21 7.51 -1.76
CA MET A 231 12.31 8.46 -1.15
C MET A 231 13.00 9.09 0.05
N GLU A 232 13.02 10.42 0.09
CA GLU A 232 13.67 11.15 1.17
C GLU A 232 12.88 12.43 1.43
N MET A 233 13.52 13.45 2.01
CA MET A 233 12.74 14.59 2.48
C MET A 233 13.21 15.98 2.09
N GLU A 234 14.18 16.10 1.19
CA GLU A 234 14.78 17.42 0.95
C GLU A 234 15.04 17.74 -0.53
N GLY A 235 14.97 16.72 -1.38
CA GLY A 235 15.51 16.86 -2.73
C GLY A 235 14.92 17.96 -3.58
N THR A 236 13.62 18.18 -3.49
CA THR A 236 12.98 19.19 -4.33
C THR A 236 13.39 20.61 -3.93
N ALA A 237 13.72 20.81 -2.65
CA ALA A 237 14.23 22.11 -2.20
C ALA A 237 15.64 22.34 -2.73
N ILE A 238 16.52 21.36 -2.54
CA ILE A 238 17.90 21.52 -2.96
C ILE A 238 17.99 21.76 -4.45
N THR A 239 17.27 20.97 -5.22
CA THR A 239 17.43 21.06 -6.69
C THR A 239 16.59 22.13 -7.39
N SER A 240 15.70 22.81 -6.66
CA SER A 240 15.03 23.99 -7.21
C SER A 240 15.77 25.25 -6.80
N HIS A 241 16.22 25.29 -5.55
CA HIS A 241 16.85 26.50 -5.04
C HIS A 241 18.18 26.78 -5.71
N CYS A 242 18.99 25.74 -5.87
CA CYS A 242 20.33 25.93 -6.40
C CYS A 242 20.29 26.50 -7.82
N TYR A 243 19.47 25.90 -8.69
CA TYR A 243 19.28 26.41 -10.04
C TYR A 243 18.97 27.91 -10.06
N LEU A 244 18.04 28.31 -9.21
CA LEU A 244 17.54 29.69 -9.19
C LEU A 244 18.55 30.70 -8.64
N THR A 245 19.54 30.22 -7.90
CA THR A 245 20.60 31.09 -7.39
C THR A 245 21.90 30.93 -8.18
N GLY A 246 21.83 30.25 -9.31
CA GLY A 246 22.96 30.16 -10.23
C GLY A 246 23.96 29.04 -9.97
N HIS A 247 23.54 28.02 -9.21
CA HIS A 247 24.40 26.89 -8.86
C HIS A 247 23.81 25.57 -9.39
N ARG A 248 24.51 24.48 -9.14
CA ARG A 248 24.07 23.15 -9.60
C ARG A 248 23.85 22.27 -8.38
N ALA A 249 23.03 21.23 -8.52
CA ALA A 249 22.81 20.32 -7.39
C ALA A 249 22.64 18.88 -7.83
N ILE A 250 23.10 17.96 -6.98
CA ILE A 250 22.82 16.54 -7.15
C ILE A 250 22.45 15.93 -5.81
N LEU A 251 21.75 14.79 -5.86
CA LEU A 251 21.51 13.99 -4.66
C LEU A 251 22.16 12.63 -4.82
N VAL A 252 22.89 12.24 -3.78
CA VAL A 252 23.55 10.94 -3.75
C VAL A 252 23.14 10.35 -2.42
N CYS A 253 22.15 9.47 -2.46
CA CYS A 253 21.57 8.95 -1.23
C CYS A 253 21.67 7.43 -1.16
N VAL A 254 22.00 6.91 0.02
CA VAL A 254 21.96 5.46 0.22
C VAL A 254 20.57 5.07 0.66
N THR A 255 20.21 3.81 0.44
CA THR A 255 18.93 3.31 0.95
C THR A 255 19.15 2.52 2.23
N ALA A 256 18.16 2.58 3.13
CA ALA A 256 18.29 1.88 4.42
C ALA A 256 17.20 0.82 4.62
N VAL A 257 16.32 0.68 3.62
CA VAL A 257 15.21 -0.27 3.67
C VAL A 257 14.66 -0.36 2.25
N ASN A 258 14.07 -1.50 1.90
CA ASN A 258 13.34 -1.60 0.64
C ASN A 258 11.87 -1.46 0.95
N ARG A 259 11.31 -0.31 0.60
CA ARG A 259 9.94 0.01 0.98
C ARG A 259 8.88 -0.87 0.32
N LEU A 260 9.26 -1.57 -0.75
CA LEU A 260 8.35 -2.54 -1.35
C LEU A 260 8.28 -3.78 -0.45
N GLU A 261 9.15 -3.86 0.54
CA GLU A 261 9.18 -4.99 1.47
C GLU A 261 8.77 -4.66 2.90
N GLY A 262 8.96 -3.41 3.32
CA GLY A 262 8.58 -3.00 4.67
C GLY A 262 8.75 -1.52 4.93
N ASP A 263 8.37 -1.10 6.14
CA ASP A 263 8.41 0.30 6.53
C ASP A 263 9.43 0.57 7.64
N GLN A 264 9.55 -0.38 8.56
CA GLN A 264 10.45 -0.22 9.70
C GLN A 264 11.91 -0.24 9.26
N ILE A 265 12.72 0.56 9.93
CA ILE A 265 14.17 0.49 9.72
C ILE A 265 14.70 -0.56 10.68
N THR A 266 14.94 -1.76 10.14
CA THR A 266 15.29 -2.92 10.96
C THR A 266 16.78 -3.22 10.98
N ILE A 267 17.55 -2.59 10.09
CA ILE A 267 18.99 -2.81 10.13
C ILE A 267 19.58 -2.27 11.43
N SER A 268 20.72 -2.81 11.82
CA SER A 268 21.33 -2.38 13.07
C SER A 268 21.76 -0.93 12.98
N THR A 269 21.94 -0.30 14.14
CA THR A 269 22.47 1.06 14.13
C THR A 269 23.85 1.08 13.47
N ASP A 270 24.67 0.06 13.72
CA ASP A 270 26.00 0.00 13.14
C ASP A 270 25.92 -0.09 11.62
N GLU A 271 25.03 -0.95 11.12
CA GLU A 271 24.92 -1.05 9.66
C GLU A 271 24.32 0.21 9.03
N PHE A 272 23.38 0.85 9.72
CA PHE A 272 22.83 2.10 9.21
C PHE A 272 23.95 3.15 9.05
N THR A 273 24.78 3.27 10.08
CA THR A 273 25.89 4.22 10.04
C THR A 273 26.84 3.90 8.90
N LEU A 274 27.11 2.60 8.71
CA LEU A 274 27.98 2.17 7.64
C LEU A 274 27.38 2.53 6.29
N PHE A 275 26.10 2.22 6.11
CA PHE A 275 25.43 2.52 4.86
C PHE A 275 25.46 4.03 4.60
N ALA A 276 25.27 4.82 5.65
CA ALA A 276 25.17 6.28 5.51
C ALA A 276 26.47 6.89 5.03
N GLN A 277 27.57 6.16 5.21
CA GLN A 277 28.88 6.64 4.77
C GLN A 277 29.14 6.33 3.30
N ARG A 278 28.28 5.55 2.68
CA ARG A 278 28.56 5.14 1.30
C ARG A 278 28.48 6.26 0.27
N PRO A 279 27.47 7.15 0.37
CA PRO A 279 27.49 8.28 -0.57
C PRO A 279 28.84 9.03 -0.53
N GLY A 280 29.35 9.26 0.68
CA GLY A 280 30.65 9.92 0.83
C GLY A 280 31.82 9.15 0.26
N GLN A 281 31.76 7.82 0.29
CA GLN A 281 32.81 6.99 -0.29
C GLN A 281 32.95 7.32 -1.78
N LEU A 282 31.80 7.37 -2.47
CA LEU A 282 31.78 7.62 -3.90
C LEU A 282 32.12 9.09 -4.21
N VAL A 283 31.44 9.99 -3.52
CA VAL A 283 31.61 11.42 -3.76
C VAL A 283 33.01 11.89 -3.38
N GLY A 284 33.57 11.30 -2.31
CA GLY A 284 34.91 11.67 -1.89
C GLY A 284 35.93 11.39 -2.97
N GLU A 285 35.82 10.22 -3.60
CA GLU A 285 36.73 9.90 -4.71
C GLU A 285 36.52 10.87 -5.88
N TYR A 286 35.25 11.20 -6.16
CA TYR A 286 34.96 12.19 -7.20
C TYR A 286 35.61 13.53 -6.88
N LEU A 287 35.46 13.97 -5.63
CA LEU A 287 36.04 15.24 -5.20
C LEU A 287 37.57 15.21 -5.29
N LYS A 288 38.17 14.07 -5.00
CA LYS A 288 39.62 13.96 -5.06
C LYS A 288 40.09 14.05 -6.52
N ARG A 289 39.25 13.62 -7.45
CA ARG A 289 39.64 13.60 -8.87
C ARG A 289 39.30 14.90 -9.60
N ASN A 290 38.47 15.72 -8.98
CA ASN A 290 37.93 16.93 -9.61
C ASN A 290 38.20 18.23 -8.84
N ASN A 291 39.36 18.27 -8.18
CA ASN A 291 39.85 19.49 -7.52
C ASN A 291 38.95 20.00 -6.40
N GLY A 292 38.28 19.09 -5.69
CA GLY A 292 37.59 19.45 -4.46
C GLY A 292 38.62 19.63 -3.36
N ILE A 293 39.58 18.71 -3.32
CA ILE A 293 40.73 18.85 -2.41
C ILE A 293 42.01 18.93 -3.19
N ILE A 294 43.03 19.50 -2.55
CA ILE A 294 44.40 19.39 -2.99
C ILE A 294 44.93 18.13 -2.34
N VAL A 295 45.51 17.25 -3.14
CA VAL A 295 46.11 16.04 -2.59
C VAL A 295 47.58 16.30 -2.29
N ARG A 296 47.92 16.37 -1.02
CA ARG A 296 49.27 16.75 -0.61
C ARG A 296 50.24 15.58 -0.61
N PRO B 6 -9.47 9.86 21.09
CA PRO B 6 -9.32 8.42 20.84
C PRO B 6 -8.72 8.13 19.47
N ILE B 7 -8.78 6.87 19.05
CA ILE B 7 -8.30 6.41 17.74
C ILE B 7 -6.82 6.00 17.70
N VAL B 8 -6.58 4.70 17.56
CA VAL B 8 -5.23 4.16 17.51
C VAL B 8 -4.97 3.51 16.15
N ASN B 9 -3.74 3.64 15.65
CA ASN B 9 -3.37 3.01 14.39
C ASN B 9 -3.36 1.49 14.52
N SER B 10 -4.36 0.84 13.90
CA SER B 10 -4.51 -0.60 14.02
C SER B 10 -3.30 -1.40 13.55
N HIS B 11 -2.50 -0.83 12.65
CA HIS B 11 -1.35 -1.55 12.10
C HIS B 11 -0.23 -1.82 13.12
N LEU B 12 -0.19 -1.06 14.20
CA LEU B 12 0.89 -1.23 15.18
C LEU B 12 0.84 -2.58 15.89
N SER B 13 -0.35 -3.13 16.05
CA SER B 13 -0.48 -4.43 16.69
C SER B 13 0.12 -5.55 15.84
N GLU B 14 0.38 -5.25 14.57
CA GLU B 14 1.00 -6.21 13.66
C GLU B 14 2.51 -6.38 13.93
N LEU B 15 3.10 -5.44 14.65
CA LEU B 15 4.53 -5.46 14.92
C LEU B 15 4.87 -6.20 16.21
N ASP B 16 5.83 -7.12 16.15
CA ASP B 16 6.36 -7.76 17.34
C ASP B 16 7.27 -6.80 18.09
N GLU B 17 8.02 -6.01 17.33
CA GLU B 17 8.86 -4.96 17.90
C GLU B 17 8.67 -3.71 17.06
N ASP B 18 8.53 -2.56 17.71
CA ASP B 18 8.40 -1.30 17.00
C ASP B 18 9.69 -0.52 17.21
N VAL B 19 10.37 -0.23 16.11
CA VAL B 19 11.62 0.54 16.12
C VAL B 19 11.36 2.05 15.98
N PHE B 20 11.73 2.82 17.01
CA PHE B 20 11.62 4.27 16.97
C PHE B 20 12.92 4.78 16.36
N HIS B 21 12.93 4.80 15.03
CA HIS B 21 14.16 5.07 14.30
C HIS B 21 14.87 6.36 14.71
N HIS B 22 14.11 7.43 14.90
CA HIS B 22 14.72 8.72 15.13
C HIS B 22 15.10 8.97 16.59
N PHE B 23 14.64 8.09 17.48
CA PHE B 23 15.08 8.12 18.89
C PHE B 23 16.08 7.00 19.27
N GLY B 24 16.31 6.03 18.37
CA GLY B 24 17.33 5.04 18.61
C GLY B 24 17.01 4.02 19.69
N PHE B 25 15.73 3.68 19.86
CA PHE B 25 15.33 2.58 20.72
C PHE B 25 14.10 1.87 20.17
N THR B 26 13.67 0.78 20.83
CA THR B 26 12.52 0.04 20.37
C THR B 26 11.59 -0.28 21.55
N THR B 27 10.43 -0.85 21.25
CA THR B 27 9.51 -1.24 22.33
C THR B 27 10.10 -2.32 23.22
N LYS B 28 11.17 -2.97 22.77
CA LYS B 28 11.80 -4.00 23.58
C LYS B 28 12.94 -3.46 24.45
N SER B 29 13.26 -2.18 24.30
CA SER B 29 14.35 -1.55 25.05
C SER B 29 13.95 -1.31 26.50
N PHE B 30 12.68 -1.00 26.71
CA PHE B 30 12.16 -0.68 28.04
C PHE B 30 10.79 -1.31 28.24
N ASP B 31 10.37 -1.38 29.49
CA ASP B 31 8.97 -1.62 29.87
C ASP B 31 8.25 -0.27 29.77
N PHE B 32 7.58 0.00 28.64
CA PHE B 32 7.06 1.36 28.39
C PHE B 32 6.05 1.82 29.44
N LYS B 33 5.18 0.93 29.89
CA LYS B 33 4.18 1.32 30.88
C LYS B 33 4.85 1.77 32.19
N GLU B 34 5.83 1.02 32.66
CA GLU B 34 6.49 1.41 33.90
C GLU B 34 7.34 2.66 33.71
N LYS B 35 8.05 2.72 32.58
CA LYS B 35 9.01 3.78 32.37
C LYS B 35 8.38 5.14 32.05
N PHE B 36 7.33 5.12 31.24
CA PHE B 36 6.71 6.36 30.75
C PHE B 36 5.25 6.53 31.16
N GLY B 37 4.67 5.55 31.85
CA GLY B 37 3.25 5.56 32.14
C GLY B 37 2.73 6.77 32.89
N ASP B 38 3.60 7.44 33.65
CA ASP B 38 3.21 8.57 34.48
C ASP B 38 3.32 9.91 33.76
N VAL B 39 3.78 9.89 32.51
CA VAL B 39 3.97 11.13 31.78
C VAL B 39 2.65 11.87 31.53
N LYS B 40 2.63 13.16 31.85
CA LYS B 40 1.44 13.98 31.62
C LYS B 40 1.78 15.27 30.85
N PHE B 41 3.08 15.52 30.64
CA PHE B 41 3.54 16.70 29.91
C PHE B 41 4.69 16.30 28.99
N VAL B 42 4.70 16.87 27.78
CA VAL B 42 5.86 16.72 26.90
C VAL B 42 6.29 18.11 26.45
N CYS B 43 7.49 18.52 26.84
CA CYS B 43 8.03 19.84 26.48
C CYS B 43 9.00 19.68 25.32
N VAL B 44 8.77 20.45 24.26
CA VAL B 44 9.58 20.33 23.06
C VAL B 44 10.05 21.70 22.54
N CYS B 45 11.18 21.70 21.85
CA CYS B 45 11.61 22.90 21.12
C CYS B 45 12.59 22.47 20.04
N GLY B 46 13.07 23.42 19.26
CA GLY B 46 13.90 23.07 18.12
C GLY B 46 15.36 22.78 18.42
N SER B 47 15.76 23.02 19.66
CA SER B 47 17.17 22.91 20.06
C SER B 47 17.37 21.83 21.12
N SER B 48 18.27 20.89 20.85
CA SER B 48 18.55 19.83 21.81
C SER B 48 19.24 20.40 23.04
N GLY B 49 20.15 21.32 22.83
CA GLY B 49 20.84 21.97 23.94
C GLY B 49 19.89 22.72 24.85
N ARG B 50 18.98 23.48 24.26
CA ARG B 50 18.03 24.27 25.04
CA ARG B 50 17.73 25.17 25.58
C ARG B 50 17.08 23.40 25.84
N ILE B 51 16.56 22.34 25.23
CA ILE B 51 15.61 21.46 25.93
C ILE B 51 16.32 20.66 27.00
N HIS B 52 17.57 20.30 26.77
CA HIS B 52 18.35 19.62 27.80
C HIS B 52 18.52 20.54 29.00
N ASN B 53 18.89 21.79 28.73
CA ASN B 53 19.09 22.75 29.80
C ASN B 53 17.81 23.00 30.60
N PHE B 54 16.67 22.99 29.92
CA PHE B 54 15.40 23.14 30.60
C PHE B 54 15.09 21.92 31.47
N ALA B 55 15.37 20.72 30.96
CA ALA B 55 15.21 19.51 31.76
C ALA B 55 16.07 19.56 33.01
N ILE B 56 17.31 19.99 32.86
CA ILE B 56 18.19 20.19 34.02
C ILE B 56 17.55 21.17 35.03
N SER B 57 17.02 22.28 34.53
CA SER B 57 16.40 23.24 35.45
C SER B 57 15.21 22.65 36.19
N MET B 58 14.41 21.82 35.50
CA MET B 58 13.26 21.18 36.11
C MET B 58 13.68 20.15 37.15
N ALA B 59 14.74 19.41 36.84
CA ALA B 59 15.27 18.44 37.80
C ALA B 59 15.71 19.14 39.08
N LYS B 60 16.35 20.30 38.93
CA LYS B 60 16.74 21.09 40.09
C LYS B 60 15.53 21.57 40.91
N LEU B 61 14.49 22.03 40.23
CA LEU B 61 13.26 22.46 40.92
C LEU B 61 12.63 21.29 41.68
N ALA B 62 12.76 20.09 41.12
CA ALA B 62 12.18 18.89 41.70
C ALA B 62 13.02 18.29 42.82
N GLY B 63 14.23 18.82 43.02
CA GLY B 63 15.08 18.35 44.10
C GLY B 63 15.81 17.06 43.74
N LEU B 64 16.02 16.85 42.46
CA LEU B 64 16.76 15.68 41.99
C LEU B 64 18.25 16.04 41.87
N ALA B 65 19.11 15.13 42.31
CA ALA B 65 20.54 15.40 42.36
C ALA B 65 21.28 14.90 41.11
N LEU B 66 21.13 13.61 40.82
CA LEU B 66 21.84 13.01 39.70
C LEU B 66 21.46 13.71 38.40
N PRO B 67 22.42 13.82 37.46
CA PRO B 67 22.23 14.49 36.18
C PRO B 67 21.13 13.85 35.34
N VAL B 68 20.53 14.64 34.48
CA VAL B 68 19.48 14.16 33.59
C VAL B 68 20.11 13.47 32.38
N GLU B 69 19.82 12.19 32.23
CA GLU B 69 20.46 11.38 31.19
C GLU B 69 19.60 11.25 29.93
N ASN B 70 20.24 11.26 28.79
CA ASN B 70 19.54 11.04 27.52
C ASN B 70 19.04 9.60 27.46
N ILE B 71 17.75 9.46 27.16
CA ILE B 71 17.08 8.17 26.99
C ILE B 71 17.20 7.67 25.54
N ALA B 72 17.30 8.61 24.60
CA ALA B 72 17.53 8.27 23.19
C ALA B 72 18.91 7.65 23.00
N GLY B 73 19.06 6.87 21.92
CA GLY B 73 20.35 6.29 21.58
C GLY B 73 21.36 7.37 21.22
N SER B 74 22.65 7.07 21.36
CA SER B 74 23.71 8.05 21.14
C SER B 74 23.82 8.49 19.67
N HIS B 75 23.33 7.66 18.75
CA HIS B 75 23.35 8.02 17.33
C HIS B 75 22.00 8.48 16.80
N ALA B 76 21.08 8.82 17.70
CA ALA B 76 19.73 9.19 17.30
C ALA B 76 19.65 10.62 16.81
N ARG B 77 18.63 10.89 16.00
CA ARG B 77 18.39 12.24 15.50
C ARG B 77 17.95 13.18 16.60
N PHE B 78 17.19 12.66 17.56
CA PHE B 78 16.59 13.52 18.57
C PHE B 78 17.08 13.06 19.95
N VAL B 79 16.96 13.95 20.93
CA VAL B 79 17.22 13.58 22.33
C VAL B 79 15.90 13.42 23.08
N LEU B 80 15.97 12.76 24.23
CA LEU B 80 14.77 12.51 25.03
C LEU B 80 15.14 12.45 26.51
N TYR B 81 14.49 13.28 27.33
CA TYR B 81 14.79 13.28 28.77
C TYR B 81 13.50 13.12 29.54
N LYS B 82 13.61 12.67 30.78
CA LYS B 82 12.44 12.59 31.64
C LYS B 82 12.77 13.11 33.03
N VAL B 83 11.92 13.99 33.54
CA VAL B 83 11.99 14.43 34.93
C VAL B 83 10.59 14.29 35.50
N ASP B 84 10.45 13.40 36.49
CA ASP B 84 9.14 13.08 37.01
C ASP B 84 8.10 12.88 35.89
N HIS B 85 7.03 13.67 35.87
CA HIS B 85 5.94 13.39 34.93
C HIS B 85 6.07 14.15 33.61
N ILE B 86 7.28 14.65 33.34
CA ILE B 86 7.53 15.45 32.15
C ILE B 86 8.53 14.77 31.24
N LEU B 87 8.20 14.64 29.95
CA LEU B 87 9.15 14.19 28.95
C LEU B 87 9.66 15.43 28.20
N PHE B 88 10.91 15.38 27.75
CA PHE B 88 11.52 16.50 27.05
C PHE B 88 12.15 15.99 25.75
N ALA B 89 11.83 16.63 24.62
CA ALA B 89 12.41 16.21 23.35
C ALA B 89 12.65 17.43 22.47
N ASP B 90 13.59 17.32 21.54
CA ASP B 90 13.72 18.35 20.53
C ASP B 90 13.03 17.91 19.25
N HIS B 91 12.87 18.86 18.31
CA HIS B 91 12.10 18.57 17.10
C HIS B 91 12.66 19.17 15.82
N GLY B 92 13.87 19.73 15.91
CA GLY B 92 14.47 20.37 14.75
C GLY B 92 13.65 21.56 14.30
N MET B 93 13.82 21.97 13.04
CA MET B 93 13.06 23.10 12.52
C MET B 93 12.17 22.69 11.36
N GLY B 94 10.91 23.12 11.41
CA GLY B 94 9.98 22.89 10.31
C GLY B 94 8.98 21.80 10.61
N ILE B 95 7.83 21.88 9.93
CA ILE B 95 6.74 20.92 10.11
C ILE B 95 7.16 19.46 9.87
N PRO B 96 7.89 19.18 8.80
CA PRO B 96 8.23 17.75 8.59
C PRO B 96 9.07 17.17 9.71
N SER B 97 10.03 17.94 10.19
CA SER B 97 10.87 17.47 11.29
C SER B 97 9.99 17.31 12.55
N ALA B 98 9.11 18.26 12.79
CA ALA B 98 8.27 18.19 13.99
C ALA B 98 7.34 16.97 13.91
N LEU B 99 6.85 16.67 12.71
CA LEU B 99 5.97 15.51 12.53
C LEU B 99 6.67 14.18 12.80
N ILE B 100 7.96 14.11 12.51
CA ILE B 100 8.70 12.90 12.85
C ILE B 100 8.71 12.71 14.38
N MET B 101 9.07 13.77 15.10
CA MET B 101 9.02 13.76 16.57
C MET B 101 7.64 13.39 17.08
N LEU B 102 6.60 13.99 16.48
CA LEU B 102 5.24 13.81 16.97
C LEU B 102 4.80 12.36 16.80
N HIS B 103 5.11 11.77 15.65
CA HIS B 103 4.69 10.40 15.42
C HIS B 103 5.38 9.46 16.40
N GLU B 104 6.68 9.64 16.60
CA GLU B 104 7.39 8.71 17.47
C GLU B 104 7.02 8.91 18.94
N VAL B 105 6.88 10.16 19.36
CA VAL B 105 6.50 10.43 20.76
C VAL B 105 5.06 10.00 21.06
N THR B 106 4.12 10.26 20.16
CA THR B 106 2.75 9.83 20.44
C THR B 106 2.61 8.31 20.40
N LYS B 107 3.41 7.63 19.57
CA LYS B 107 3.47 6.16 19.65
C LYS B 107 3.99 5.72 21.01
N LEU B 108 5.04 6.39 21.49
CA LEU B 108 5.59 6.06 22.80
C LEU B 108 4.53 6.19 23.88
N LEU B 109 3.79 7.29 23.87
CA LEU B 109 2.75 7.50 24.87
C LEU B 109 1.66 6.43 24.81
N HIS B 110 1.32 6.01 23.59
CA HIS B 110 0.33 4.93 23.38
C HIS B 110 0.79 3.62 24.00
N TYR B 111 2.02 3.22 23.72
CA TYR B 111 2.55 1.97 24.28
C TYR B 111 2.65 2.04 25.80
N ALA B 112 2.87 3.24 26.32
CA ALA B 112 3.01 3.44 27.76
C ALA B 112 1.66 3.58 28.47
N GLY B 113 0.58 3.70 27.69
CA GLY B 113 -0.75 3.81 28.24
C GLY B 113 -1.11 5.19 28.76
N CYS B 114 -0.40 6.21 28.29
CA CYS B 114 -0.65 7.58 28.74
C CYS B 114 -1.86 8.15 28.04
N LYS B 115 -2.68 8.88 28.79
CA LYS B 115 -3.87 9.49 28.20
C LYS B 115 -3.86 10.99 28.42
N ASP B 116 -4.38 11.74 27.44
CA ASP B 116 -4.62 13.17 27.58
C ASP B 116 -3.40 13.92 28.09
N VAL B 117 -2.31 13.80 27.35
CA VAL B 117 -1.05 14.43 27.69
C VAL B 117 -1.03 15.84 27.12
N LEU B 118 -0.39 16.78 27.83
CA LEU B 118 -0.22 18.13 27.28
C LEU B 118 1.16 18.30 26.65
N PHE B 119 1.19 18.59 25.35
CA PHE B 119 2.45 18.93 24.67
C PHE B 119 2.62 20.43 24.75
N ILE B 120 3.83 20.88 25.08
CA ILE B 120 4.10 22.30 25.23
C ILE B 120 5.29 22.63 24.36
N ARG B 121 5.07 23.40 23.31
CA ARG B 121 6.20 23.81 22.49
C ARG B 121 6.78 25.11 23.05
N LEU B 122 8.06 25.08 23.40
CA LEU B 122 8.78 26.22 23.99
C LEU B 122 9.71 26.82 22.95
N GLY B 123 9.21 27.72 22.12
CA GLY B 123 9.95 28.09 20.93
C GLY B 123 10.41 29.52 20.85
N THR B 124 11.02 29.84 19.71
CA THR B 124 11.32 31.22 19.35
C THR B 124 10.50 31.57 18.12
N SER B 125 10.38 32.87 17.85
CA SER B 125 9.48 33.31 16.79
C SER B 125 9.76 34.75 16.41
N GLY B 126 9.24 35.16 15.27
CA GLY B 126 9.21 36.56 14.91
C GLY B 126 7.93 37.16 15.46
N GLY B 127 8.05 38.33 16.08
CA GLY B 127 6.86 38.99 16.60
C GLY B 127 6.21 39.88 15.55
N LEU B 128 4.90 40.09 15.65
CA LEU B 128 4.22 41.06 14.81
C LEU B 128 3.64 42.15 15.71
N GLY B 129 4.32 43.29 15.77
CA GLY B 129 3.83 44.41 16.56
C GLY B 129 3.99 44.23 18.05
N VAL B 130 4.91 43.38 18.45
CA VAL B 130 5.28 43.27 19.87
C VAL B 130 6.78 43.46 20.00
N LYS B 131 7.24 43.86 21.19
CA LYS B 131 8.67 44.09 21.38
C LYS B 131 9.44 42.78 21.44
N PRO B 132 10.67 42.77 20.90
CA PRO B 132 11.52 41.58 21.02
C PRO B 132 11.68 41.15 22.49
N GLY B 133 11.61 39.84 22.73
CA GLY B 133 11.73 39.32 24.08
C GLY B 133 10.39 39.02 24.73
N THR B 134 9.30 39.35 24.02
CA THR B 134 7.94 39.09 24.51
C THR B 134 7.59 37.62 24.39
N ILE B 135 6.91 37.07 25.39
CA ILE B 135 6.40 35.71 25.27
C ILE B 135 5.01 35.80 24.68
N VAL B 136 4.77 35.09 23.58
CA VAL B 136 3.43 35.03 23.01
C VAL B 136 2.85 33.67 23.33
N LEU B 137 1.67 33.66 23.96
CA LEU B 137 0.93 32.43 24.17
C LEU B 137 -0.04 32.30 23.01
N SER B 138 0.15 31.30 22.16
CA SER B 138 -0.74 31.12 21.02
C SER B 138 -2.17 30.80 21.46
N ASP B 139 -3.14 31.53 20.93
CA ASP B 139 -4.55 31.12 21.12
C ASP B 139 -5.13 30.46 19.86
N ARG B 140 -4.34 30.45 18.79
CA ARG B 140 -4.64 29.64 17.61
C ARG B 140 -3.39 29.57 16.74
N CYS B 141 -3.28 28.48 15.98
CA CYS B 141 -2.16 28.28 15.08
CA CYS B 141 -2.17 28.29 15.08
C CYS B 141 -2.68 28.15 13.66
N VAL B 142 -2.16 28.98 12.76
CA VAL B 142 -2.66 28.98 11.40
C VAL B 142 -1.53 28.89 10.40
N ASN B 143 -1.87 28.52 9.17
CA ASN B 143 -0.88 28.44 8.11
C ASN B 143 -0.66 29.83 7.50
N THR B 144 0.15 29.93 6.45
CA THR B 144 0.43 31.23 5.83
C THR B 144 -0.77 31.87 5.12
N LYS B 145 -1.85 31.10 4.96
CA LYS B 145 -3.09 31.65 4.40
C LYS B 145 -4.08 32.03 5.50
N LEU B 146 -3.60 31.97 6.73
CA LEU B 146 -4.33 32.33 7.94
C LEU B 146 -5.46 31.34 8.28
N GLU B 147 -5.33 30.11 7.78
CA GLU B 147 -6.32 29.06 8.05
C GLU B 147 -5.85 28.15 9.19
N PRO B 148 -6.76 27.79 10.11
CA PRO B 148 -6.30 26.95 11.23
C PRO B 148 -6.28 25.48 10.83
N TYR B 149 -5.43 25.14 9.86
CA TYR B 149 -5.31 23.78 9.38
C TYR B 149 -3.85 23.49 9.05
N ASN B 150 -3.43 22.26 9.31
CA ASN B 150 -2.17 21.77 8.77
C ASN B 150 -2.48 21.03 7.47
N GLU B 151 -1.69 21.28 6.44
CA GLU B 151 -1.88 20.62 5.15
C GLU B 151 -0.89 19.48 5.01
N LEU B 152 -1.37 18.35 4.48
CA LEU B 152 -0.50 17.22 4.21
C LEU B 152 -0.82 16.68 2.81
N CYS B 153 0.10 15.89 2.27
CA CYS B 153 -0.14 15.22 1.00
C CYS B 153 0.17 13.76 1.21
N ILE B 154 -0.88 12.95 1.26
CA ILE B 154 -0.79 11.57 1.70
C ILE B 154 -1.21 10.63 0.58
N LEU B 155 -0.27 9.74 0.21
CA LEU B 155 -0.41 8.94 -1.00
C LEU B 155 -0.73 9.85 -2.19
N GLY B 156 -0.16 11.04 -2.15
CA GLY B 156 -0.32 12.00 -3.23
C GLY B 156 -1.65 12.72 -3.27
N LYS B 157 -2.40 12.68 -2.18
CA LYS B 157 -3.70 13.35 -2.11
C LYS B 157 -3.75 14.36 -0.97
N PRO B 158 -4.29 15.55 -1.24
CA PRO B 158 -4.30 16.61 -0.23
C PRO B 158 -5.20 16.26 0.97
N VAL B 159 -4.69 16.51 2.16
CA VAL B 159 -5.40 16.26 3.40
C VAL B 159 -5.25 17.50 4.26
N ARG B 160 -6.29 17.86 5.01
CA ARG B 160 -6.21 19.01 5.90
C ARG B 160 -6.67 18.60 7.29
N ARG B 161 -5.92 19.02 8.30
CA ARG B 161 -6.22 18.69 9.68
C ARG B 161 -6.32 19.95 10.54
N GLN B 162 -7.46 20.13 11.20
CA GLN B 162 -7.69 21.34 12.00
C GLN B 162 -6.75 21.45 13.18
N THR B 163 -6.35 22.68 13.50
CA THR B 163 -5.51 22.95 14.66
C THR B 163 -6.36 23.32 15.86
N ILE B 164 -5.96 22.87 17.04
CA ILE B 164 -6.71 23.10 18.27
C ILE B 164 -5.71 23.37 19.39
N VAL B 165 -5.79 24.56 19.99
CA VAL B 165 -4.94 24.90 21.13
C VAL B 165 -5.72 24.72 22.44
N ASP B 166 -5.04 24.28 23.49
CA ASP B 166 -5.66 24.09 24.80
C ASP B 166 -5.83 25.46 25.47
N LEU B 167 -6.97 26.11 25.21
CA LEU B 167 -7.16 27.49 25.63
C LEU B 167 -7.24 27.63 27.14
N ASN B 168 -7.79 26.62 27.80
CA ASN B 168 -7.87 26.63 29.25
CA ASN B 168 -7.87 26.65 29.24
C ASN B 168 -6.48 26.78 29.85
N THR B 169 -5.52 26.04 29.31
CA THR B 169 -4.16 26.09 29.81
C THR B 169 -3.49 27.41 29.48
N VAL B 170 -3.72 27.89 28.25
CA VAL B 170 -3.23 29.21 27.87
C VAL B 170 -3.72 30.27 28.87
N ASN B 171 -5.00 30.20 29.24
CA ASN B 171 -5.55 31.19 30.17
C ASN B 171 -4.89 31.06 31.55
N GLU B 172 -4.64 29.83 31.98
CA GLU B 172 -3.94 29.59 33.23
C GLU B 172 -2.51 30.15 33.21
N LEU B 173 -1.86 30.10 32.06
CA LEU B 173 -0.48 30.61 31.95
C LEU B 173 -0.45 32.12 31.97
N LYS B 174 -1.42 32.74 31.31
CA LYS B 174 -1.50 34.20 31.33
C LYS B 174 -1.71 34.66 32.77
N LYS B 175 -2.64 34.00 33.46
CA LYS B 175 -2.91 34.35 34.85
C LYS B 175 -1.67 34.17 35.71
N LEU B 176 -0.96 33.07 35.48
CA LEU B 176 0.26 32.84 36.23
C LEU B 176 1.25 33.96 35.98
N SER B 177 1.35 34.42 34.74
CA SER B 177 2.36 35.42 34.40
C SER B 177 2.12 36.72 35.15
N GLU B 178 0.86 36.99 35.47
CA GLU B 178 0.53 38.21 36.20
C GLU B 178 0.98 38.11 37.66
N ASN B 179 1.29 36.89 38.10
CA ASN B 179 1.73 36.64 39.47
C ASN B 179 3.23 36.42 39.61
N LEU B 180 3.93 36.43 38.48
CA LEU B 180 5.38 36.21 38.48
C LEU B 180 6.11 37.52 38.21
N SER B 181 7.42 37.49 38.43
CA SER B 181 8.27 38.65 38.15
C SER B 181 9.16 38.37 36.96
N LEU B 182 8.60 38.44 35.77
CA LEU B 182 9.34 38.18 34.55
C LEU B 182 9.98 39.46 34.03
N GLU B 183 11.05 39.29 33.25
CA GLU B 183 11.75 40.39 32.62
C GLU B 183 11.03 40.86 31.36
N CYS B 184 9.86 40.27 31.10
CA CYS B 184 9.21 40.48 29.82
C CYS B 184 7.69 40.56 29.95
N SER B 185 7.04 40.97 28.88
CA SER B 185 5.59 40.93 28.83
C SER B 185 5.13 39.63 28.19
N VAL B 186 3.88 39.28 28.46
CA VAL B 186 3.27 38.07 27.96
C VAL B 186 1.99 38.46 27.22
N VAL B 187 1.89 38.06 25.96
CA VAL B 187 0.78 38.46 25.10
C VAL B 187 0.09 37.21 24.56
N VAL B 188 -1.24 37.22 24.54
CA VAL B 188 -2.01 36.13 23.95
C VAL B 188 -2.44 36.56 22.54
N GLY B 189 -2.14 35.74 21.55
CA GLY B 189 -2.48 36.07 20.17
C GLY B 189 -2.28 34.89 19.24
N GLY B 190 -2.57 35.10 17.96
CA GLY B 190 -2.46 34.03 16.98
C GLY B 190 -1.04 33.84 16.47
N THR B 191 -0.75 32.65 15.95
CA THR B 191 0.59 32.32 15.47
C THR B 191 0.56 31.67 14.08
N ILE B 192 1.26 32.26 13.12
CA ILE B 192 1.47 31.64 11.83
C ILE B 192 2.61 30.62 11.84
N ALA B 193 2.39 29.45 11.25
CA ALA B 193 3.45 28.49 10.98
C ALA B 193 3.80 28.52 9.49
N ALA B 194 5.08 28.76 9.19
CA ALA B 194 5.56 28.85 7.80
C ALA B 194 6.51 27.71 7.44
N ASN B 195 6.64 27.41 6.15
CA ASN B 195 7.50 26.32 5.67
C ASN B 195 8.88 26.75 5.18
N ASP B 196 9.33 27.90 5.66
CA ASP B 196 10.69 28.36 5.49
C ASP B 196 10.89 29.54 6.44
N PHE B 197 12.13 29.97 6.63
CA PHE B 197 12.41 31.10 7.53
C PHE B 197 12.36 32.43 6.78
N TYR B 198 12.65 32.39 5.48
CA TYR B 198 12.80 33.61 4.70
C TYR B 198 11.56 33.99 3.89
N GLU B 199 11.38 33.39 2.71
CA GLU B 199 10.34 33.89 1.81
C GLU B 199 8.92 33.69 2.34
N GLU B 200 8.64 32.52 2.89
CA GLU B 200 7.29 32.28 3.43
C GLU B 200 6.94 33.16 4.62
N GLN B 201 7.97 33.69 5.30
CA GLN B 201 7.75 34.58 6.44
C GLN B 201 7.78 36.04 5.99
N GLY B 202 7.88 36.26 4.68
CA GLY B 202 7.85 37.62 4.17
C GLY B 202 9.13 38.40 4.42
N ARG B 203 10.24 37.69 4.63
CA ARG B 203 11.53 38.35 4.81
C ARG B 203 12.10 38.86 3.49
N LEU B 204 12.68 40.05 3.52
CA LEU B 204 13.32 40.64 2.35
C LEU B 204 14.79 40.24 2.21
N ASP B 205 15.31 39.50 3.19
CA ASP B 205 16.76 39.31 3.28
C ASP B 205 17.23 37.88 3.00
N GLY B 206 16.43 37.10 2.28
CA GLY B 206 16.87 35.76 1.89
C GLY B 206 17.79 35.81 0.69
N SER B 207 18.10 34.65 0.13
CA SER B 207 18.92 34.60 -1.06
C SER B 207 18.07 34.87 -2.30
N ILE B 208 16.76 34.74 -2.12
CA ILE B 208 15.80 35.00 -3.19
C ILE B 208 14.69 35.81 -2.54
N CYS B 209 14.24 36.85 -3.25
CA CYS B 209 13.10 37.63 -2.81
C CYS B 209 12.31 38.10 -4.03
N THR B 210 11.03 37.76 -4.07
CA THR B 210 10.20 38.07 -5.24
C THR B 210 9.20 39.18 -4.96
N PHE B 211 9.30 39.80 -3.79
CA PHE B 211 8.33 40.83 -3.40
C PHE B 211 8.99 42.10 -2.84
N SER B 212 8.17 43.15 -2.70
CA SER B 212 8.66 44.44 -2.20
C SER B 212 8.33 44.57 -0.72
N LYS B 213 8.95 45.56 -0.08
CA LYS B 213 8.65 45.88 1.32
C LYS B 213 7.16 46.21 1.48
N GLU B 214 6.60 46.95 0.53
CA GLU B 214 5.17 47.25 0.55
C GLU B 214 4.34 45.97 0.54
N GLU B 215 4.75 45.00 -0.28
CA GLU B 215 4.07 43.71 -0.31
C GLU B 215 4.26 42.92 0.98
N LYS B 216 5.48 42.94 1.53
CA LYS B 216 5.72 42.31 2.83
C LYS B 216 4.78 42.88 3.89
N LEU B 217 4.70 44.20 3.97
CA LEU B 217 3.91 44.82 5.02
C LEU B 217 2.41 44.58 4.87
N ALA B 218 1.92 44.54 3.64
CA ALA B 218 0.50 44.26 3.42
C ALA B 218 0.15 42.89 3.95
N PHE B 219 1.04 41.92 3.69
CA PHE B 219 0.91 40.55 4.19
C PHE B 219 0.92 40.51 5.72
N LEU B 220 1.91 41.16 6.33
CA LEU B 220 2.05 41.10 7.79
C LEU B 220 0.96 41.92 8.47
N GLN B 221 0.61 43.06 7.88
CA GLN B 221 -0.51 43.85 8.41
C GLN B 221 -1.81 43.04 8.38
N SER B 222 -2.05 42.33 7.28
CA SER B 222 -3.24 41.48 7.18
C SER B 222 -3.26 40.46 8.30
N ALA B 223 -2.11 39.84 8.52
CA ALA B 223 -1.98 38.83 9.57
C ALA B 223 -2.28 39.46 10.92
N TYR B 224 -1.65 40.61 11.20
CA TYR B 224 -1.86 41.29 12.46
C TYR B 224 -3.34 41.62 12.65
N GLU B 225 -3.98 42.07 11.58
CA GLU B 225 -5.40 42.43 11.64
C GLU B 225 -6.27 41.22 11.93
N HIS B 226 -5.76 40.04 11.61
CA HIS B 226 -6.45 38.79 11.90
C HIS B 226 -6.04 38.22 13.26
N GLY B 227 -5.37 39.04 14.08
CA GLY B 227 -5.03 38.67 15.44
C GLY B 227 -3.68 37.99 15.62
N ILE B 228 -2.92 37.85 14.54
CA ILE B 228 -1.61 37.20 14.62
C ILE B 228 -0.59 38.10 15.31
N ARG B 229 0.14 37.53 16.26
CA ARG B 229 1.17 38.28 17.01
C ARG B 229 2.58 37.69 16.89
N ASN B 230 2.69 36.46 16.36
CA ASN B 230 4.01 35.91 16.08
C ASN B 230 3.99 34.87 14.97
N MET B 231 5.17 34.42 14.60
CA MET B 231 5.35 33.60 13.41
C MET B 231 6.51 32.64 13.64
N GLU B 232 6.26 31.36 13.41
CA GLU B 232 7.27 30.33 13.58
C GLU B 232 7.08 29.23 12.55
N MET B 233 7.53 28.00 12.84
CA MET B 233 7.58 26.99 11.78
C MET B 233 7.04 25.60 12.12
N GLU B 234 6.33 25.46 13.24
CA GLU B 234 5.93 24.12 13.69
C GLU B 234 4.50 24.04 14.24
N GLY B 235 3.89 25.18 14.56
CA GLY B 235 2.70 25.17 15.39
C GLY B 235 1.53 24.38 14.84
N THR B 236 1.30 24.47 13.53
CA THR B 236 0.14 23.80 12.92
C THR B 236 0.28 22.28 12.95
N ALA B 237 1.52 21.78 12.92
CA ALA B 237 1.75 20.33 13.03
C ALA B 237 1.47 19.88 14.47
N ILE B 238 2.08 20.56 15.43
CA ILE B 238 1.89 20.20 16.83
C ILE B 238 0.41 20.22 17.22
N THR B 239 -0.29 21.30 16.88
CA THR B 239 -1.66 21.49 17.36
C THR B 239 -2.74 20.76 16.55
N SER B 240 -2.37 20.16 15.42
CA SER B 240 -3.33 19.32 14.71
C SER B 240 -3.06 17.85 15.03
N HIS B 241 -1.80 17.49 15.16
CA HIS B 241 -1.43 16.10 15.44
C HIS B 241 -1.85 15.64 16.84
N CYS B 242 -1.60 16.48 17.84
CA CYS B 242 -1.94 16.08 19.20
C CYS B 242 -3.43 15.83 19.37
N TYR B 243 -4.27 16.72 18.85
CA TYR B 243 -5.72 16.53 18.90
C TYR B 243 -6.15 15.17 18.35
N LEU B 244 -5.66 14.83 17.15
CA LEU B 244 -6.01 13.57 16.50
C LEU B 244 -5.54 12.32 17.23
N THR B 245 -4.50 12.46 18.06
CA THR B 245 -3.99 11.31 18.80
C THR B 245 -4.46 11.31 20.27
N GLY B 246 -5.36 12.23 20.59
CA GLY B 246 -6.02 12.23 21.89
C GLY B 246 -5.35 13.08 22.95
N HIS B 247 -4.49 13.99 22.52
CA HIS B 247 -3.75 14.81 23.46
C HIS B 247 -4.05 16.31 23.30
N ARG B 248 -3.42 17.13 24.12
CA ARG B 248 -3.60 18.56 24.09
C ARG B 248 -2.29 19.24 23.70
N ALA B 249 -2.35 20.45 23.17
CA ALA B 249 -1.12 21.17 22.82
C ALA B 249 -1.22 22.69 23.01
N ILE B 250 -0.11 23.28 23.43
CA ILE B 250 0.01 24.74 23.47
C ILE B 250 1.37 25.15 22.90
N LEU B 251 1.44 26.40 22.43
CA LEU B 251 2.70 27.02 22.03
C LEU B 251 3.02 28.18 22.95
N VAL B 252 4.26 28.20 23.45
CA VAL B 252 4.73 29.30 24.29
C VAL B 252 6.04 29.74 23.68
N CYS B 253 6.00 30.82 22.89
CA CYS B 253 7.18 31.22 22.12
C CYS B 253 7.60 32.63 22.43
N VAL B 254 8.90 32.85 22.57
CA VAL B 254 9.40 34.21 22.75
C VAL B 254 9.63 34.80 21.36
N THR B 255 9.59 36.12 21.26
CA THR B 255 9.87 36.78 19.98
C THR B 255 11.32 37.28 20.00
N ALA B 256 11.96 37.31 18.84
CA ALA B 256 13.36 37.74 18.75
C ALA B 256 13.55 38.94 17.85
N VAL B 257 12.45 39.44 17.29
CA VAL B 257 12.48 40.58 16.38
C VAL B 257 11.05 41.02 16.18
N ASN B 258 10.83 42.30 15.91
CA ASN B 258 9.51 42.77 15.50
C ASN B 258 9.49 42.86 14.00
N ARG B 259 8.79 41.91 13.36
CA ARG B 259 8.83 41.78 11.91
C ARG B 259 8.18 42.95 11.17
N LEU B 260 7.37 43.74 11.88
CA LEU B 260 6.80 44.93 11.28
C LEU B 260 7.88 46.00 11.08
N GLU B 261 9.02 45.83 11.76
CA GLU B 261 10.11 46.79 11.67
C GLU B 261 11.32 46.25 10.89
N GLY B 262 11.43 44.94 10.78
CA GLY B 262 12.61 44.37 10.16
C GLY B 262 12.60 42.86 10.06
N ASP B 263 13.67 42.30 9.51
CA ASP B 263 13.77 40.88 9.27
C ASP B 263 14.97 40.24 9.98
N GLN B 264 16.09 40.95 9.99
CA GLN B 264 17.34 40.44 10.54
C GLN B 264 17.23 40.21 12.05
N ILE B 265 17.85 39.13 12.53
CA ILE B 265 17.93 38.92 13.97
C ILE B 265 19.20 39.63 14.43
N THR B 266 19.06 40.84 14.94
CA THR B 266 20.21 41.68 15.22
C THR B 266 20.63 41.65 16.69
N ILE B 267 19.78 41.11 17.55
CA ILE B 267 20.18 41.01 18.94
C ILE B 267 21.37 40.07 19.04
N SER B 268 22.18 40.26 20.07
CA SER B 268 23.39 39.45 20.23
C SER B 268 23.02 37.99 20.41
N THR B 269 23.98 37.10 20.15
CA THR B 269 23.72 35.68 20.35
C THR B 269 23.43 35.39 21.81
N ASP B 270 24.12 36.07 22.72
CA ASP B 270 23.84 35.90 24.15
C ASP B 270 22.41 36.31 24.48
N GLU B 271 21.97 37.44 23.95
CA GLU B 271 20.63 37.90 24.28
C GLU B 271 19.56 37.01 23.65
N PHE B 272 19.86 36.43 22.49
CA PHE B 272 18.91 35.49 21.88
C PHE B 272 18.74 34.28 22.79
N THR B 273 19.85 33.76 23.29
CA THR B 273 19.81 32.60 24.16
C THR B 273 19.03 32.91 25.42
N LEU B 274 19.24 34.11 25.95
CA LEU B 274 18.51 34.59 27.14
C LEU B 274 17.01 34.69 26.85
N PHE B 275 16.66 35.30 25.72
CA PHE B 275 15.24 35.39 25.35
C PHE B 275 14.61 34.00 25.23
N ALA B 276 15.36 33.07 24.64
CA ALA B 276 14.84 31.73 24.37
C ALA B 276 14.58 30.92 25.64
N GLN B 277 15.15 31.37 26.76
CA GLN B 277 14.90 30.73 28.05
C GLN B 277 13.61 31.20 28.70
N ARG B 278 13.03 32.29 28.19
CA ARG B 278 11.84 32.87 28.82
C ARG B 278 10.60 31.95 28.82
N PRO B 279 10.33 31.26 27.69
CA PRO B 279 9.18 30.35 27.76
C PRO B 279 9.31 29.31 28.88
N GLY B 280 10.51 28.76 29.07
CA GLY B 280 10.75 27.82 30.17
C GLY B 280 10.61 28.42 31.55
N GLN B 281 10.97 29.70 31.68
CA GLN B 281 10.85 30.38 32.95
C GLN B 281 9.39 30.36 33.40
N LEU B 282 8.49 30.70 32.48
CA LEU B 282 7.06 30.67 32.76
C LEU B 282 6.54 29.25 32.90
N VAL B 283 6.83 28.42 31.91
CA VAL B 283 6.31 27.05 31.91
C VAL B 283 6.83 26.20 33.06
N GLY B 284 8.08 26.38 33.44
CA GLY B 284 8.64 25.66 34.58
C GLY B 284 7.86 25.89 35.86
N GLU B 285 7.47 27.14 36.11
CA GLU B 285 6.69 27.45 37.31
C GLU B 285 5.29 26.84 37.19
N TYR B 286 4.73 26.89 35.99
CA TYR B 286 3.46 26.21 35.75
C TYR B 286 3.54 24.71 36.06
N LEU B 287 4.60 24.07 35.59
CA LEU B 287 4.78 22.64 35.85
C LEU B 287 4.98 22.34 37.34
N LYS B 288 5.71 23.20 38.03
CA LYS B 288 5.90 23.04 39.48
C LYS B 288 4.56 23.10 40.22
N ARG B 289 3.68 23.98 39.75
CA ARG B 289 2.42 24.23 40.44
C ARG B 289 1.30 23.29 40.00
N ASN B 290 1.49 22.60 38.89
CA ASN B 290 0.46 21.72 38.36
C ASN B 290 0.87 20.25 38.25
N ASN B 291 1.67 19.81 39.21
CA ASN B 291 2.04 18.39 39.34
C ASN B 291 2.78 17.81 38.15
N GLY B 292 3.60 18.64 37.49
CA GLY B 292 4.53 18.13 36.49
C GLY B 292 5.72 17.49 37.20
N ILE B 293 6.08 18.05 38.35
CA ILE B 293 7.13 17.49 39.18
C ILE B 293 6.63 17.16 40.58
N ILE B 294 7.41 16.34 41.28
CA ILE B 294 7.19 16.10 42.70
C ILE B 294 8.19 16.98 43.44
N VAL B 295 7.72 17.86 44.32
CA VAL B 295 8.62 18.79 44.97
C VAL B 295 9.16 18.17 46.24
N ARG B 296 10.45 17.84 46.22
CA ARG B 296 11.06 17.12 47.31
C ARG B 296 11.75 18.05 48.29
N ILE C 7 -25.10 -20.71 -35.41
CA ILE C 7 -26.23 -21.21 -34.66
C ILE C 7 -26.57 -20.29 -33.49
N VAL C 8 -27.74 -19.65 -33.56
CA VAL C 8 -28.19 -18.77 -32.47
C VAL C 8 -29.30 -19.42 -31.64
N ASN C 9 -29.19 -19.28 -30.33
CA ASN C 9 -30.22 -19.78 -29.41
C ASN C 9 -31.53 -19.03 -29.63
N SER C 10 -32.53 -19.74 -30.17
CA SER C 10 -33.81 -19.12 -30.49
C SER C 10 -34.55 -18.58 -29.28
N HIS C 11 -34.22 -19.08 -28.09
CA HIS C 11 -34.94 -18.64 -26.89
C HIS C 11 -34.60 -17.19 -26.51
N LEU C 12 -33.50 -16.64 -27.02
CA LEU C 12 -33.13 -15.27 -26.68
C LEU C 12 -34.16 -14.27 -27.19
N SER C 13 -34.86 -14.65 -28.25
CA SER C 13 -35.87 -13.77 -28.83
C SER C 13 -37.17 -13.85 -28.06
N GLU C 14 -37.15 -14.60 -26.95
CA GLU C 14 -38.30 -14.63 -26.05
C GLU C 14 -38.08 -13.72 -24.84
N LEU C 15 -36.96 -13.00 -24.84
CA LEU C 15 -36.67 -12.03 -23.79
C LEU C 15 -36.90 -10.61 -24.29
N ASP C 16 -37.60 -9.81 -23.49
CA ASP C 16 -37.81 -8.40 -23.81
C ASP C 16 -36.51 -7.64 -23.53
N GLU C 17 -35.84 -8.04 -22.44
CA GLU C 17 -34.55 -7.50 -22.05
C GLU C 17 -33.71 -8.67 -21.56
N ASP C 18 -32.40 -8.64 -21.85
CA ASP C 18 -31.51 -9.72 -21.43
C ASP C 18 -30.54 -9.22 -20.37
N VAL C 19 -30.63 -9.79 -19.17
CA VAL C 19 -29.78 -9.40 -18.06
C VAL C 19 -28.50 -10.25 -18.00
N PHE C 20 -27.35 -9.62 -18.20
CA PHE C 20 -26.05 -10.28 -18.03
C PHE C 20 -25.66 -10.26 -16.55
N HIS C 21 -26.15 -11.25 -15.81
CA HIS C 21 -26.11 -11.21 -14.36
C HIS C 21 -24.68 -11.02 -13.81
N HIS C 22 -23.73 -11.72 -14.41
CA HIS C 22 -22.36 -11.71 -13.89
C HIS C 22 -21.52 -10.53 -14.30
N PHE C 23 -22.00 -9.75 -15.27
CA PHE C 23 -21.32 -8.51 -15.64
C PHE C 23 -22.07 -7.29 -15.15
N GLY C 24 -23.25 -7.50 -14.57
CA GLY C 24 -23.99 -6.40 -13.97
C GLY C 24 -24.50 -5.34 -14.92
N PHE C 25 -24.90 -5.73 -16.13
CA PHE C 25 -25.62 -4.85 -17.04
C PHE C 25 -26.64 -5.64 -17.87
N THR C 26 -27.43 -4.94 -18.67
CA THR C 26 -28.44 -5.59 -19.51
C THR C 26 -28.38 -5.06 -20.93
N THR C 27 -29.17 -5.64 -21.82
CA THR C 27 -29.22 -5.16 -23.19
C THR C 27 -29.80 -3.74 -23.30
N LYS C 28 -30.40 -3.25 -22.23
CA LYS C 28 -30.92 -1.89 -22.21
C LYS C 28 -29.92 -0.88 -21.65
N SER C 29 -28.78 -1.37 -21.17
CA SER C 29 -27.74 -0.51 -20.61
C SER C 29 -26.98 0.26 -21.70
N PHE C 30 -26.80 -0.38 -22.85
CA PHE C 30 -26.04 0.18 -23.96
C PHE C 30 -26.73 -0.10 -25.28
N ASP C 31 -26.36 0.65 -26.31
CA ASP C 31 -26.62 0.26 -27.68
C ASP C 31 -25.51 -0.70 -28.05
N PHE C 32 -25.77 -2.00 -27.95
CA PHE C 32 -24.70 -2.99 -28.12
C PHE C 32 -24.01 -2.91 -29.48
N LYS C 33 -24.77 -2.61 -30.54
CA LYS C 33 -24.21 -2.51 -31.87
C LYS C 33 -23.21 -1.34 -31.95
N GLU C 34 -23.64 -0.18 -31.45
CA GLU C 34 -22.76 0.99 -31.46
C GLU C 34 -21.53 0.79 -30.58
N LYS C 35 -21.74 0.25 -29.39
CA LYS C 35 -20.69 0.16 -28.37
C LYS C 35 -19.68 -0.97 -28.65
N PHE C 36 -20.17 -2.12 -29.11
CA PHE C 36 -19.31 -3.31 -29.21
C PHE C 36 -19.18 -3.86 -30.62
N GLY C 37 -19.88 -3.26 -31.57
CA GLY C 37 -19.97 -3.82 -32.90
C GLY C 37 -18.65 -4.00 -33.62
N ASP C 38 -17.63 -3.26 -33.20
CA ASP C 38 -16.32 -3.28 -33.84
C ASP C 38 -15.36 -4.30 -33.24
N VAL C 39 -15.81 -5.03 -32.23
CA VAL C 39 -14.92 -5.96 -31.53
C VAL C 39 -14.56 -7.15 -32.41
N LYS C 40 -13.28 -7.46 -32.47
CA LYS C 40 -12.79 -8.63 -33.19
C LYS C 40 -11.92 -9.56 -32.33
N PHE C 41 -11.63 -9.14 -31.10
CA PHE C 41 -10.78 -9.93 -30.20
C PHE C 41 -11.32 -9.83 -28.78
N VAL C 42 -11.26 -10.94 -28.06
CA VAL C 42 -11.57 -10.94 -26.64
C VAL C 42 -10.41 -11.58 -25.90
N CYS C 43 -9.72 -10.81 -25.08
CA CYS C 43 -8.61 -11.36 -24.31
C CYS C 43 -9.08 -11.62 -22.89
N VAL C 44 -8.82 -12.83 -22.40
CA VAL C 44 -9.32 -13.21 -21.09
C VAL C 44 -8.23 -13.88 -20.25
N CYS C 45 -8.36 -13.79 -18.93
CA CYS C 45 -7.54 -14.59 -18.03
C CYS C 45 -8.25 -14.70 -16.70
N GLY C 46 -7.62 -15.38 -15.74
CA GLY C 46 -8.27 -15.66 -14.48
C GLY C 46 -8.25 -14.52 -13.49
N SER C 47 -7.49 -13.48 -13.81
CA SER C 47 -7.25 -12.40 -12.86
C SER C 47 -7.73 -11.04 -13.36
N SER C 48 -8.63 -10.41 -12.62
CA SER C 48 -9.12 -9.08 -13.01
C SER C 48 -7.97 -8.08 -13.09
N GLY C 49 -7.08 -8.11 -12.10
CA GLY C 49 -5.96 -7.18 -12.06
C GLY C 49 -5.04 -7.38 -13.25
N ARG C 50 -4.72 -8.62 -13.56
CA ARG C 50 -3.82 -8.93 -14.69
CA ARG C 50 -3.82 -8.92 -14.68
C ARG C 50 -4.41 -8.46 -16.02
N ILE C 51 -5.69 -8.71 -16.22
CA ILE C 51 -6.32 -8.35 -17.50
C ILE C 51 -6.52 -6.84 -17.60
N HIS C 52 -6.76 -6.18 -16.47
CA HIS C 52 -6.82 -4.72 -16.47
C HIS C 52 -5.45 -4.14 -16.84
N ASN C 53 -4.40 -4.66 -16.22
CA ASN C 53 -3.05 -4.23 -16.55
C ASN C 53 -2.71 -4.47 -18.03
N PHE C 54 -3.18 -5.57 -18.59
CA PHE C 54 -2.93 -5.84 -19.99
C PHE C 54 -3.68 -4.83 -20.87
N ALA C 55 -4.94 -4.56 -20.53
CA ALA C 55 -5.75 -3.57 -21.26
C ALA C 55 -5.04 -2.22 -21.25
N ILE C 56 -4.54 -1.84 -20.07
CA ILE C 56 -3.79 -0.59 -19.95
C ILE C 56 -2.58 -0.58 -20.89
N SER C 57 -1.84 -1.68 -20.93
CA SER C 57 -0.69 -1.81 -21.82
C SER C 57 -1.09 -1.65 -23.29
N MET C 58 -2.23 -2.24 -23.66
CA MET C 58 -2.74 -2.09 -25.04
C MET C 58 -3.15 -0.64 -25.31
N ALA C 59 -3.76 0.02 -24.33
CA ALA C 59 -4.14 1.42 -24.51
C ALA C 59 -2.90 2.29 -24.74
N LYS C 60 -1.84 2.05 -23.98
CA LYS C 60 -0.60 2.80 -24.18
C LYS C 60 -0.03 2.58 -25.59
N LEU C 61 -0.04 1.33 -26.04
CA LEU C 61 0.39 1.00 -27.40
C LEU C 61 -0.44 1.75 -28.43
N ALA C 62 -1.71 1.95 -28.09
CA ALA C 62 -2.67 2.56 -29.01
C ALA C 62 -2.65 4.08 -28.92
N GLY C 63 -1.84 4.61 -28.02
CA GLY C 63 -1.79 6.04 -27.83
C GLY C 63 -3.08 6.61 -27.24
N LEU C 64 -3.87 5.76 -26.61
CA LEU C 64 -5.07 6.20 -25.91
C LEU C 64 -4.68 6.75 -24.55
N ALA C 65 -4.60 8.07 -24.45
CA ALA C 65 -4.19 8.72 -23.21
C ALA C 65 -5.38 8.92 -22.28
N LEU C 66 -5.72 7.87 -21.54
CA LEU C 66 -6.82 7.93 -20.58
C LEU C 66 -6.97 6.61 -19.83
N PRO C 67 -7.49 6.67 -18.59
CA PRO C 67 -7.75 5.45 -17.83
C PRO C 67 -8.69 4.52 -18.59
N VAL C 68 -8.40 3.22 -18.53
CA VAL C 68 -9.28 2.21 -19.07
C VAL C 68 -10.35 1.91 -18.02
N GLU C 69 -11.60 2.23 -18.34
CA GLU C 69 -12.67 2.13 -17.36
C GLU C 69 -13.42 0.82 -17.47
N ASN C 70 -13.81 0.28 -16.32
CA ASN C 70 -14.63 -0.92 -16.26
C ASN C 70 -16.01 -0.65 -16.85
N ILE C 71 -16.43 -1.51 -17.77
CA ILE C 71 -17.76 -1.45 -18.38
C ILE C 71 -18.78 -2.24 -17.57
N ALA C 72 -18.32 -3.25 -16.86
CA ALA C 72 -19.22 -4.04 -16.01
C ALA C 72 -19.71 -3.21 -14.83
N GLY C 73 -20.82 -3.63 -14.23
CA GLY C 73 -21.35 -2.96 -13.06
C GLY C 73 -20.35 -3.09 -11.92
N SER C 74 -20.37 -2.14 -10.99
CA SER C 74 -19.44 -2.19 -9.86
C SER C 74 -19.69 -3.39 -8.94
N HIS C 75 -20.90 -3.94 -8.99
CA HIS C 75 -21.25 -5.10 -8.15
C HIS C 75 -21.23 -6.41 -8.94
N ALA C 76 -20.40 -6.47 -9.98
CA ALA C 76 -20.38 -7.62 -10.86
C ALA C 76 -19.29 -8.64 -10.49
N ARG C 77 -19.48 -9.88 -10.92
CA ARG C 77 -18.50 -10.94 -10.65
C ARG C 77 -17.26 -10.73 -11.51
N PHE C 78 -17.47 -10.19 -12.71
CA PHE C 78 -16.41 -10.06 -13.71
C PHE C 78 -16.20 -8.60 -14.07
N VAL C 79 -15.00 -8.29 -14.56
CA VAL C 79 -14.73 -6.97 -15.13
C VAL C 79 -14.75 -7.07 -16.64
N LEU C 80 -14.92 -5.92 -17.29
CA LEU C 80 -14.93 -5.86 -18.75
C LEU C 80 -14.35 -4.51 -19.18
N TYR C 81 -13.35 -4.55 -20.05
CA TYR C 81 -12.72 -3.34 -20.58
C TYR C 81 -12.71 -3.41 -22.10
N LYS C 82 -12.62 -2.24 -22.73
CA LYS C 82 -12.51 -2.19 -24.17
C LYS C 82 -11.42 -1.23 -24.58
N VAL C 83 -10.55 -1.68 -25.49
CA VAL C 83 -9.56 -0.80 -26.09
C VAL C 83 -9.64 -1.00 -27.58
N ASP C 84 -10.10 0.02 -28.29
CA ASP C 84 -10.35 -0.10 -29.71
C ASP C 84 -11.12 -1.38 -30.00
N HIS C 85 -10.56 -2.29 -30.80
CA HIS C 85 -11.34 -3.44 -31.24
C HIS C 85 -11.13 -4.69 -30.38
N ILE C 86 -10.60 -4.49 -29.19
CA ILE C 86 -10.37 -5.59 -28.25
C ILE C 86 -11.23 -5.44 -27.01
N LEU C 87 -11.91 -6.52 -26.63
CA LEU C 87 -12.55 -6.62 -25.32
C LEU C 87 -11.65 -7.39 -24.37
N PHE C 88 -11.76 -7.07 -23.08
CA PHE C 88 -10.94 -7.73 -22.08
C PHE C 88 -11.86 -8.16 -20.94
N ALA C 89 -11.77 -9.40 -20.49
CA ALA C 89 -12.58 -9.86 -19.36
C ALA C 89 -11.81 -10.87 -18.52
N ASP C 90 -12.14 -10.97 -17.24
CA ASP C 90 -11.61 -12.08 -16.46
C ASP C 90 -12.60 -13.23 -16.45
N HIS C 91 -12.17 -14.39 -15.95
CA HIS C 91 -13.00 -15.59 -15.99
C HIS C 91 -12.87 -16.47 -14.75
N GLY C 92 -12.18 -15.97 -13.72
CA GLY C 92 -11.98 -16.75 -12.51
C GLY C 92 -11.20 -18.01 -12.82
N MET C 93 -11.33 -19.03 -11.96
CA MET C 93 -10.59 -20.27 -12.13
C MET C 93 -11.50 -21.46 -12.31
N GLY C 94 -11.22 -22.24 -13.36
CA GLY C 94 -11.94 -23.47 -13.59
C GLY C 94 -12.98 -23.36 -14.68
N ILE C 95 -13.34 -24.53 -15.21
CA ILE C 95 -14.28 -24.63 -16.32
C ILE C 95 -15.64 -23.99 -16.05
N PRO C 96 -16.25 -24.29 -14.88
CA PRO C 96 -17.58 -23.73 -14.63
C PRO C 96 -17.57 -22.21 -14.63
N SER C 97 -16.54 -21.61 -14.04
CA SER C 97 -16.46 -20.17 -14.00
C SER C 97 -16.19 -19.59 -15.40
N ALA C 98 -15.32 -20.26 -16.15
CA ALA C 98 -15.04 -19.84 -17.53
C ALA C 98 -16.30 -19.92 -18.40
N LEU C 99 -17.14 -20.92 -18.20
CA LEU C 99 -18.35 -21.06 -19.01
C LEU C 99 -19.34 -19.92 -18.73
N ILE C 100 -19.35 -19.43 -17.51
CA ILE C 100 -20.20 -18.28 -17.20
C ILE C 100 -19.77 -17.08 -18.05
N MET C 101 -18.46 -16.81 -18.05
CA MET C 101 -17.91 -15.72 -18.85
C MET C 101 -18.21 -15.96 -20.32
N LEU C 102 -17.99 -17.18 -20.78
CA LEU C 102 -18.19 -17.50 -22.20
C LEU C 102 -19.63 -17.29 -22.67
N HIS C 103 -20.60 -17.76 -21.90
CA HIS C 103 -22.00 -17.59 -22.27
C HIS C 103 -22.36 -16.11 -22.35
N GLU C 104 -21.95 -15.34 -21.36
CA GLU C 104 -22.35 -13.93 -21.33
C GLU C 104 -21.60 -13.09 -22.37
N VAL C 105 -20.31 -13.34 -22.54
CA VAL C 105 -19.59 -12.60 -23.59
C VAL C 105 -20.05 -13.00 -24.99
N THR C 106 -20.29 -14.29 -25.24
CA THR C 106 -20.76 -14.66 -26.58
C THR C 106 -22.15 -14.09 -26.89
N LYS C 107 -23.01 -13.98 -25.88
CA LYS C 107 -24.31 -13.36 -26.09
C LYS C 107 -24.10 -11.88 -26.40
N LEU C 108 -23.17 -11.25 -25.71
CA LEU C 108 -22.87 -9.85 -25.94
C LEU C 108 -22.47 -9.64 -27.41
N LEU C 109 -21.56 -10.49 -27.89
CA LEU C 109 -21.09 -10.38 -29.27
C LEU C 109 -22.23 -10.59 -30.27
N HIS C 110 -23.15 -11.46 -29.91
CA HIS C 110 -24.31 -11.75 -30.76
C HIS C 110 -25.19 -10.50 -30.89
N TYR C 111 -25.51 -9.89 -29.75
CA TYR C 111 -26.35 -8.69 -29.76
C TYR C 111 -25.66 -7.57 -30.51
N ALA C 112 -24.33 -7.51 -30.40
CA ALA C 112 -23.54 -6.43 -30.98
C ALA C 112 -23.31 -6.65 -32.48
N GLY C 113 -23.62 -7.84 -32.95
CA GLY C 113 -23.48 -8.17 -34.36
C GLY C 113 -22.09 -8.59 -34.78
N CYS C 114 -21.24 -8.91 -33.80
CA CYS C 114 -19.86 -9.33 -34.07
C CYS C 114 -19.79 -10.74 -34.62
N LYS C 115 -19.01 -10.93 -35.68
CA LYS C 115 -18.84 -12.25 -36.28
C LYS C 115 -17.39 -12.70 -36.20
N ASP C 116 -17.19 -14.00 -35.97
CA ASP C 116 -15.88 -14.63 -36.12
C ASP C 116 -14.81 -13.89 -35.32
N VAL C 117 -15.08 -13.77 -34.02
CA VAL C 117 -14.17 -13.11 -33.10
C VAL C 117 -13.14 -14.11 -32.60
N LEU C 118 -11.94 -13.63 -32.27
CA LEU C 118 -10.92 -14.50 -31.70
C LEU C 118 -10.83 -14.29 -30.20
N PHE C 119 -11.11 -15.34 -29.44
CA PHE C 119 -10.88 -15.34 -27.99
C PHE C 119 -9.44 -15.78 -27.72
N ILE C 120 -8.74 -15.03 -26.88
CA ILE C 120 -7.37 -15.34 -26.54
C ILE C 120 -7.28 -15.47 -25.03
N ARG C 121 -7.03 -16.67 -24.54
CA ARG C 121 -6.80 -16.85 -23.12
C ARG C 121 -5.32 -16.65 -22.79
N LEU C 122 -5.03 -15.69 -21.91
CA LEU C 122 -3.66 -15.36 -21.52
C LEU C 122 -3.45 -15.85 -20.10
N GLY C 123 -3.02 -17.10 -19.94
CA GLY C 123 -3.05 -17.69 -18.61
C GLY C 123 -1.71 -18.04 -18.00
N THR C 124 -1.77 -18.66 -16.84
CA THR C 124 -0.62 -19.28 -16.20
C THR C 124 -0.89 -20.79 -16.18
N SER C 125 0.15 -21.56 -15.94
CA SER C 125 0.01 -23.00 -16.03
C SER C 125 1.20 -23.69 -15.40
N GLY C 126 1.05 -24.99 -15.14
CA GLY C 126 2.18 -25.83 -14.80
C GLY C 126 2.80 -26.36 -16.08
N GLY C 127 4.13 -26.26 -16.19
CA GLY C 127 4.80 -26.78 -17.38
C GLY C 127 5.16 -28.24 -17.21
N LEU C 128 5.23 -28.97 -18.33
CA LEU C 128 5.83 -30.31 -18.30
C LEU C 128 7.12 -30.31 -19.12
N GLY C 129 8.26 -30.45 -18.46
CA GLY C 129 9.52 -30.63 -19.16
C GLY C 129 9.97 -29.39 -19.92
N VAL C 130 9.52 -28.23 -19.45
CA VAL C 130 9.99 -26.94 -19.95
C VAL C 130 10.36 -26.06 -18.75
N LYS C 131 11.20 -25.07 -19.01
CA LYS C 131 11.65 -24.12 -18.01
C LYS C 131 10.52 -23.22 -17.48
N PRO C 132 10.50 -22.95 -16.16
CA PRO C 132 9.52 -21.98 -15.70
C PRO C 132 9.71 -20.65 -16.44
N GLY C 133 8.60 -20.01 -16.83
CA GLY C 133 8.63 -18.77 -17.58
C GLY C 133 8.49 -18.98 -19.07
N THR C 134 8.31 -20.23 -19.48
CA THR C 134 8.12 -20.57 -20.89
C THR C 134 6.69 -20.27 -21.30
N ILE C 135 6.50 -19.75 -22.51
CA ILE C 135 5.16 -19.54 -23.03
C ILE C 135 4.80 -20.76 -23.84
N VAL C 136 3.66 -21.38 -23.52
CA VAL C 136 3.16 -22.51 -24.32
C VAL C 136 1.97 -22.08 -25.16
N LEU C 137 2.08 -22.22 -26.47
CA LEU C 137 0.93 -22.01 -27.35
C LEU C 137 0.26 -23.35 -27.54
N SER C 138 -0.96 -23.49 -27.03
CA SER C 138 -1.66 -24.77 -27.12
C SER C 138 -1.97 -25.14 -28.56
N ASP C 139 -1.61 -26.35 -28.98
CA ASP C 139 -2.10 -26.83 -30.27
C ASP C 139 -3.22 -27.84 -30.11
N ARG C 140 -3.51 -28.20 -28.86
CA ARG C 140 -4.73 -28.95 -28.56
C ARG C 140 -5.03 -28.75 -27.09
N CYS C 141 -6.31 -28.81 -26.75
CA CYS C 141 -6.74 -28.70 -25.35
C CYS C 141 -7.49 -29.97 -25.01
N VAL C 142 -7.00 -30.69 -24.01
CA VAL C 142 -7.58 -32.00 -23.69
C VAL C 142 -7.86 -32.12 -22.20
N ASN C 143 -8.72 -33.07 -21.84
CA ASN C 143 -8.95 -33.33 -20.42
C ASN C 143 -7.81 -34.18 -19.84
N THR C 144 -7.96 -34.62 -18.60
CA THR C 144 -6.85 -35.32 -17.94
C THR C 144 -6.66 -36.73 -18.49
N LYS C 145 -7.56 -37.17 -19.37
CA LYS C 145 -7.43 -38.45 -20.04
C LYS C 145 -6.92 -38.24 -21.46
N LEU C 146 -6.51 -37.01 -21.73
CA LEU C 146 -5.97 -36.62 -23.03
C LEU C 146 -6.99 -36.64 -24.16
N GLU C 147 -8.26 -36.51 -23.82
CA GLU C 147 -9.33 -36.47 -24.81
C GLU C 147 -9.67 -35.03 -25.18
N PRO C 148 -9.76 -34.73 -26.49
CA PRO C 148 -10.00 -33.36 -26.94
C PRO C 148 -11.48 -33.01 -26.91
N TYR C 149 -12.06 -33.04 -25.71
CA TYR C 149 -13.47 -32.75 -25.50
C TYR C 149 -13.69 -32.05 -24.18
N ASN C 150 -14.72 -31.21 -24.13
CA ASN C 150 -15.24 -30.74 -22.87
C ASN C 150 -16.47 -31.55 -22.55
N GLU C 151 -16.58 -31.98 -21.29
CA GLU C 151 -17.70 -32.79 -20.86
C GLU C 151 -18.70 -31.93 -20.10
N LEU C 152 -19.97 -32.13 -20.41
CA LEU C 152 -21.05 -31.42 -19.73
C LEU C 152 -22.13 -32.43 -19.34
N CYS C 153 -22.91 -32.09 -18.31
CA CYS C 153 -24.06 -32.89 -17.92
C CYS C 153 -25.27 -31.98 -18.01
N ILE C 154 -26.08 -32.18 -19.05
CA ILE C 154 -27.14 -31.22 -19.37
C ILE C 154 -28.49 -31.87 -19.21
N LEU C 155 -29.29 -31.34 -18.30
CA LEU C 155 -30.54 -31.99 -17.89
C LEU C 155 -30.25 -33.40 -17.41
N GLY C 156 -29.10 -33.58 -16.77
CA GLY C 156 -28.74 -34.86 -16.19
C GLY C 156 -28.20 -35.88 -17.18
N LYS C 157 -27.92 -35.43 -18.40
CA LYS C 157 -27.47 -36.32 -19.47
C LYS C 157 -26.09 -35.94 -19.99
N PRO C 158 -25.23 -36.94 -20.26
CA PRO C 158 -23.84 -36.67 -20.68
C PRO C 158 -23.77 -36.09 -22.09
N VAL C 159 -22.97 -35.05 -22.25
CA VAL C 159 -22.78 -34.37 -23.53
C VAL C 159 -21.30 -34.11 -23.67
N ARG C 160 -20.76 -34.25 -24.88
CA ARG C 160 -19.37 -33.91 -25.10
C ARG C 160 -19.22 -32.95 -26.27
N ARG C 161 -18.31 -31.99 -26.14
CA ARG C 161 -18.11 -30.98 -27.17
C ARG C 161 -16.65 -30.90 -27.54
N GLN C 162 -16.36 -31.05 -28.84
CA GLN C 162 -14.98 -31.13 -29.29
C GLN C 162 -14.24 -29.82 -29.05
N THR C 163 -12.95 -29.94 -28.73
CA THR C 163 -12.11 -28.76 -28.58
C THR C 163 -11.40 -28.45 -29.89
N ILE C 164 -11.47 -27.18 -30.31
CA ILE C 164 -10.90 -26.77 -31.58
C ILE C 164 -10.07 -25.51 -31.36
N VAL C 165 -8.76 -25.67 -31.44
CA VAL C 165 -7.84 -24.54 -31.34
C VAL C 165 -7.66 -23.94 -32.72
N ASP C 166 -7.58 -22.60 -32.79
CA ASP C 166 -7.34 -21.92 -34.07
C ASP C 166 -5.87 -22.06 -34.44
N LEU C 167 -5.52 -23.14 -35.17
CA LEU C 167 -4.13 -23.48 -35.39
C LEU C 167 -3.45 -22.51 -36.37
N ASN C 168 -4.22 -21.93 -37.28
CA ASN C 168 -3.64 -20.93 -38.16
C ASN C 168 -3.08 -19.76 -37.36
N THR C 169 -3.83 -19.33 -36.35
CA THR C 169 -3.38 -18.25 -35.49
C THR C 169 -2.19 -18.66 -34.61
N VAL C 170 -2.25 -19.88 -34.06
CA VAL C 170 -1.12 -20.41 -33.30
C VAL C 170 0.16 -20.38 -34.14
N ASN C 171 0.06 -20.83 -35.39
CA ASN C 171 1.22 -20.85 -36.26
C ASN C 171 1.75 -19.44 -36.51
N GLU C 172 0.85 -18.49 -36.71
CA GLU C 172 1.26 -17.11 -36.90
C GLU C 172 1.95 -16.55 -35.65
N LEU C 173 1.45 -16.92 -34.47
CA LEU C 173 2.03 -16.42 -33.23
C LEU C 173 3.42 -17.00 -32.99
N LYS C 174 3.57 -18.29 -33.26
CA LYS C 174 4.87 -18.95 -33.15
C LYS C 174 5.87 -18.29 -34.09
N LYS C 175 5.46 -18.02 -35.33
CA LYS C 175 6.37 -17.36 -36.27
C LYS C 175 6.73 -15.96 -35.78
N LEU C 176 5.74 -15.26 -35.24
CA LEU C 176 5.98 -13.90 -34.76
C LEU C 176 6.99 -13.89 -33.61
N SER C 177 6.87 -14.86 -32.70
CA SER C 177 7.75 -14.92 -31.53
C SER C 177 9.21 -15.13 -31.95
N GLU C 178 9.42 -15.87 -33.01
CA GLU C 178 10.77 -16.15 -33.52
C GLU C 178 11.43 -14.88 -34.02
N ASN C 179 10.62 -13.89 -34.39
CA ASN C 179 11.14 -12.65 -34.94
C ASN C 179 11.06 -11.51 -33.95
N LEU C 180 10.61 -11.81 -32.74
CA LEU C 180 10.67 -10.87 -31.64
C LEU C 180 11.86 -11.27 -30.79
N SER C 181 12.12 -10.52 -29.72
CA SER C 181 13.22 -10.86 -28.82
C SER C 181 12.69 -11.06 -27.42
N LEU C 182 12.00 -12.17 -27.20
CA LEU C 182 11.37 -12.45 -25.93
C LEU C 182 12.39 -12.94 -24.91
N GLU C 183 12.11 -12.70 -23.64
CA GLU C 183 12.98 -13.12 -22.55
C GLU C 183 12.70 -14.57 -22.19
N CYS C 184 12.15 -15.33 -23.14
CA CYS C 184 11.72 -16.69 -22.86
C CYS C 184 11.61 -17.54 -24.12
N SER C 185 11.48 -18.84 -23.91
CA SER C 185 11.14 -19.76 -24.97
C SER C 185 9.63 -19.76 -25.25
N VAL C 186 9.28 -19.97 -26.51
CA VAL C 186 7.90 -20.15 -26.90
C VAL C 186 7.78 -21.56 -27.52
N VAL C 187 6.87 -22.36 -26.97
CA VAL C 187 6.74 -23.76 -27.36
C VAL C 187 5.30 -24.06 -27.78
N VAL C 188 5.12 -24.75 -28.91
CA VAL C 188 3.80 -25.20 -29.31
C VAL C 188 3.62 -26.64 -28.80
N GLY C 189 2.53 -26.90 -28.07
CA GLY C 189 2.30 -28.23 -27.54
C GLY C 189 0.93 -28.36 -26.92
N GLY C 190 0.61 -29.56 -26.43
CA GLY C 190 -0.71 -29.82 -25.88
C GLY C 190 -0.91 -29.29 -24.48
N THR C 191 -2.16 -29.05 -24.12
CA THR C 191 -2.48 -28.52 -22.80
C THR C 191 -3.62 -29.30 -22.17
N ILE C 192 -3.38 -29.81 -20.97
CA ILE C 192 -4.41 -30.46 -20.20
C ILE C 192 -5.17 -29.45 -19.35
N ALA C 193 -6.50 -29.55 -19.35
CA ALA C 193 -7.35 -28.79 -18.43
C ALA C 193 -7.86 -29.74 -17.34
N ALA C 194 -7.66 -29.35 -16.09
CA ALA C 194 -8.04 -30.18 -14.95
C ALA C 194 -9.11 -29.45 -14.14
N ASN C 195 -9.86 -30.22 -13.34
CA ASN C 195 -10.95 -29.65 -12.55
C ASN C 195 -10.57 -29.39 -11.09
N ASP C 196 -9.28 -29.26 -10.85
CA ASP C 196 -8.76 -28.86 -9.54
C ASP C 196 -7.30 -28.49 -9.75
N PHE C 197 -6.69 -27.78 -8.78
CA PHE C 197 -5.28 -27.40 -8.87
C PHE C 197 -4.37 -28.51 -8.34
N TYR C 198 -4.89 -29.32 -7.43
CA TYR C 198 -4.04 -30.27 -6.71
C TYR C 198 -4.16 -31.70 -7.21
N GLU C 199 -5.18 -32.42 -6.77
CA GLU C 199 -5.22 -33.85 -7.05
C GLU C 199 -5.36 -34.18 -8.55
N GLU C 200 -6.21 -33.44 -9.26
CA GLU C 200 -6.38 -33.68 -10.69
C GLU C 200 -5.15 -33.29 -11.51
N GLN C 201 -4.27 -32.48 -10.93
CA GLN C 201 -3.04 -32.11 -11.65
C GLN C 201 -1.86 -32.96 -11.19
N GLY C 202 -2.14 -33.96 -10.35
CA GLY C 202 -1.11 -34.88 -9.91
C GLY C 202 -0.15 -34.29 -8.90
N ARG C 203 -0.60 -33.26 -8.18
CA ARG C 203 0.19 -32.67 -7.11
C ARG C 203 0.22 -33.54 -5.89
N LEU C 204 1.38 -33.61 -5.24
CA LEU C 204 1.56 -34.40 -4.03
C LEU C 204 1.29 -33.55 -2.79
N ASP C 205 1.09 -32.25 -2.99
CA ASP C 205 1.07 -31.26 -1.89
C ASP C 205 -0.32 -30.69 -1.54
N GLY C 206 -1.38 -31.41 -1.89
CA GLY C 206 -2.72 -30.98 -1.56
C GLY C 206 -3.06 -31.38 -0.14
N SER C 207 -4.30 -31.11 0.28
CA SER C 207 -4.77 -31.53 1.60
C SER C 207 -5.06 -33.04 1.63
N ILE C 208 -5.21 -33.61 0.44
CA ILE C 208 -5.44 -35.05 0.26
C ILE C 208 -4.54 -35.49 -0.89
N CYS C 209 -3.93 -36.65 -0.77
CA CYS C 209 -3.18 -37.22 -1.88
C CYS C 209 -3.22 -38.73 -1.78
N THR C 210 -3.74 -39.35 -2.84
CA THR C 210 -3.99 -40.77 -2.86
C THR C 210 -2.94 -41.55 -3.66
N PHE C 211 -1.89 -40.86 -4.10
CA PHE C 211 -0.87 -41.50 -4.93
C PHE C 211 0.55 -41.19 -4.50
N SER C 212 1.49 -41.96 -5.05
CA SER C 212 2.90 -41.85 -4.73
C SER C 212 3.59 -40.93 -5.74
N LYS C 213 4.83 -40.54 -5.45
CA LYS C 213 5.59 -39.72 -6.38
C LYS C 213 5.81 -40.47 -7.69
N GLU C 214 6.12 -41.75 -7.57
CA GLU C 214 6.31 -42.59 -8.75
C GLU C 214 5.05 -42.62 -9.63
N GLU C 215 3.88 -42.65 -9.02
CA GLU C 215 2.63 -42.64 -9.78
C GLU C 215 2.37 -41.29 -10.45
N LYS C 216 2.72 -40.20 -9.76
CA LYS C 216 2.60 -38.87 -10.34
C LYS C 216 3.44 -38.78 -11.62
N LEU C 217 4.68 -39.24 -11.53
CA LEU C 217 5.63 -39.04 -12.61
C LEU C 217 5.30 -39.93 -13.81
N ALA C 218 4.83 -41.14 -13.55
CA ALA C 218 4.43 -42.01 -14.66
C ALA C 218 3.30 -41.34 -15.43
N PHE C 219 2.38 -40.74 -14.68
CA PHE C 219 1.24 -40.08 -15.31
C PHE C 219 1.67 -38.86 -16.11
N LEU C 220 2.53 -38.02 -15.51
CA LEU C 220 2.90 -36.76 -16.18
C LEU C 220 3.92 -37.01 -17.29
N GLN C 221 4.82 -37.96 -17.06
CA GLN C 221 5.76 -38.36 -18.09
C GLN C 221 5.04 -38.89 -19.33
N SER C 222 4.00 -39.68 -19.12
CA SER C 222 3.22 -40.22 -20.24
C SER C 222 2.55 -39.07 -21.00
N ALA C 223 1.97 -38.14 -20.25
CA ALA C 223 1.34 -36.98 -20.88
C ALA C 223 2.39 -36.26 -21.73
N TYR C 224 3.58 -36.08 -21.17
CA TYR C 224 4.67 -35.44 -21.93
C TYR C 224 4.98 -36.18 -23.23
N GLU C 225 5.02 -37.51 -23.16
CA GLU C 225 5.30 -38.31 -24.34
C GLU C 225 4.20 -38.19 -25.40
N HIS C 226 2.99 -37.83 -24.95
CA HIS C 226 1.89 -37.58 -25.87
C HIS C 226 1.83 -36.11 -26.28
N GLY C 227 2.91 -35.38 -26.01
CA GLY C 227 3.06 -34.02 -26.51
C GLY C 227 2.52 -32.92 -25.63
N ILE C 228 1.98 -33.27 -24.46
CA ILE C 228 1.52 -32.26 -23.51
C ILE C 228 2.69 -31.47 -22.96
N ARG C 229 2.57 -30.14 -22.94
CA ARG C 229 3.65 -29.31 -22.40
C ARG C 229 3.20 -28.43 -21.25
N ASN C 230 1.90 -28.32 -21.02
CA ASN C 230 1.44 -27.59 -19.84
C ASN C 230 0.06 -28.01 -19.35
N MET C 231 -0.30 -27.51 -18.17
CA MET C 231 -1.51 -27.94 -17.50
C MET C 231 -2.17 -26.72 -16.84
N GLU C 232 -3.45 -26.53 -17.12
CA GLU C 232 -4.21 -25.43 -16.53
C GLU C 232 -5.64 -25.90 -16.27
N MET C 233 -6.61 -25.00 -16.22
CA MET C 233 -7.96 -25.37 -15.74
C MET C 233 -9.15 -24.90 -16.58
N GLU C 234 -8.91 -24.27 -17.73
CA GLU C 234 -10.01 -23.68 -18.50
C GLU C 234 -10.02 -24.00 -20.00
N GLY C 235 -8.93 -24.53 -20.52
CA GLY C 235 -8.77 -24.63 -21.97
C GLY C 235 -9.87 -25.35 -22.74
N THR C 236 -10.33 -26.49 -22.21
CA THR C 236 -11.34 -27.25 -22.92
C THR C 236 -12.68 -26.52 -23.00
N ALA C 237 -12.96 -25.65 -22.02
CA ALA C 237 -14.19 -24.84 -22.08
C ALA C 237 -14.10 -23.79 -23.18
N ILE C 238 -13.00 -23.05 -23.18
CA ILE C 238 -12.84 -21.94 -24.13
C ILE C 238 -12.82 -22.45 -25.57
N THR C 239 -12.07 -23.52 -25.81
CA THR C 239 -11.88 -24.01 -27.18
C THR C 239 -13.00 -24.91 -27.71
N SER C 240 -13.91 -25.34 -26.85
CA SER C 240 -15.11 -26.02 -27.31
C SER C 240 -16.27 -25.03 -27.52
N HIS C 241 -16.41 -24.10 -26.59
CA HIS C 241 -17.52 -23.14 -26.64
C HIS C 241 -17.43 -22.17 -27.80
N CYS C 242 -16.23 -21.65 -28.05
CA CYS C 242 -16.08 -20.64 -29.08
C CYS C 242 -16.45 -21.17 -30.46
N TYR C 243 -15.86 -22.31 -30.81
CA TYR C 243 -16.15 -22.98 -32.07
C TYR C 243 -17.67 -23.14 -32.26
N LEU C 244 -18.35 -23.62 -31.22
CA LEU C 244 -19.77 -23.91 -31.32
C LEU C 244 -20.64 -22.66 -31.50
N THR C 245 -20.12 -21.50 -31.08
CA THR C 245 -20.86 -20.24 -31.20
C THR C 245 -20.36 -19.39 -32.37
N GLY C 246 -19.53 -19.99 -33.21
CA GLY C 246 -19.10 -19.35 -34.45
C GLY C 246 -17.86 -18.48 -34.33
N HIS C 247 -17.09 -18.68 -33.26
CA HIS C 247 -15.88 -17.89 -33.06
C HIS C 247 -14.66 -18.78 -33.04
N ARG C 248 -13.50 -18.18 -32.79
CA ARG C 248 -12.24 -18.91 -32.74
C ARG C 248 -11.59 -18.72 -31.38
N ALA C 249 -10.68 -19.62 -31.02
CA ALA C 249 -10.00 -19.51 -29.72
C ALA C 249 -8.59 -20.05 -29.72
N ILE C 250 -7.74 -19.41 -28.92
CA ILE C 250 -6.38 -19.92 -28.68
C ILE C 250 -6.03 -19.74 -27.20
N LEU C 251 -5.09 -20.57 -26.71
CA LEU C 251 -4.52 -20.41 -25.38
C LEU C 251 -3.06 -20.03 -25.49
N VAL C 252 -2.68 -18.99 -24.75
CA VAL C 252 -1.29 -18.55 -24.66
C VAL C 252 -0.95 -18.42 -23.19
N CYS C 253 -0.33 -19.47 -22.62
CA CYS C 253 -0.12 -19.52 -21.18
C CYS C 253 1.36 -19.63 -20.86
N VAL C 254 1.80 -18.89 -19.84
CA VAL C 254 3.18 -19.02 -19.34
C VAL C 254 3.18 -20.15 -18.32
N THR C 255 4.34 -20.78 -18.14
CA THR C 255 4.48 -21.78 -17.08
C THR C 255 5.12 -21.15 -15.84
N ALA C 256 4.78 -21.66 -14.66
CA ALA C 256 5.27 -21.08 -13.41
C ALA C 256 6.05 -22.09 -12.56
N VAL C 257 6.15 -23.32 -13.06
CA VAL C 257 6.83 -24.39 -12.37
C VAL C 257 6.99 -25.50 -13.41
N ASN C 258 8.02 -26.32 -13.25
CA ASN C 258 8.13 -27.53 -14.05
C ASN C 258 7.63 -28.68 -13.20
N ARG C 259 6.45 -29.19 -13.55
CA ARG C 259 5.78 -30.24 -12.78
C ARG C 259 6.51 -31.58 -12.76
N LEU C 260 7.46 -31.79 -13.67
CA LEU C 260 8.24 -33.03 -13.62
C LEU C 260 9.27 -32.94 -12.50
N GLU C 261 9.45 -31.73 -11.96
CA GLU C 261 10.44 -31.47 -10.92
C GLU C 261 9.80 -31.20 -9.55
N GLY C 262 8.58 -30.66 -9.55
CA GLY C 262 7.93 -30.29 -8.30
C GLY C 262 6.49 -29.83 -8.47
N ASP C 263 5.86 -29.46 -7.35
CA ASP C 263 4.48 -29.02 -7.32
C ASP C 263 4.31 -27.60 -6.82
N GLN C 264 5.06 -27.25 -5.78
CA GLN C 264 4.96 -25.92 -5.18
C GLN C 264 5.37 -24.81 -6.14
N ILE C 265 4.67 -23.69 -6.05
CA ILE C 265 5.07 -22.50 -6.81
C ILE C 265 6.03 -21.73 -5.92
N THR C 266 7.32 -21.90 -6.19
CA THR C 266 8.35 -21.41 -5.30
C THR C 266 8.94 -20.09 -5.78
N ILE C 267 8.67 -19.74 -7.03
CA ILE C 267 9.16 -18.46 -7.51
C ILE C 267 8.50 -17.37 -6.70
N SER C 268 9.18 -16.22 -6.58
CA SER C 268 8.63 -15.11 -5.82
C SER C 268 7.38 -14.54 -6.48
N THR C 269 6.60 -13.80 -5.70
CA THR C 269 5.44 -13.13 -6.23
C THR C 269 5.86 -12.18 -7.36
N ASP C 270 6.99 -11.50 -7.17
CA ASP C 270 7.51 -10.60 -8.20
C ASP C 270 7.83 -11.34 -9.49
N GLU C 271 8.48 -12.50 -9.39
CA GLU C 271 8.83 -13.26 -10.59
C GLU C 271 7.58 -13.83 -11.27
N PHE C 272 6.61 -14.26 -10.47
CA PHE C 272 5.37 -14.81 -11.00
C PHE C 272 4.65 -13.75 -11.83
N THR C 273 4.60 -12.53 -11.29
CA THR C 273 3.94 -11.43 -11.96
C THR C 273 4.65 -11.14 -13.27
N LEU C 274 5.98 -11.13 -13.24
CA LEU C 274 6.79 -10.90 -14.44
C LEU C 274 6.50 -11.99 -15.49
N PHE C 275 6.53 -13.25 -15.07
CA PHE C 275 6.23 -14.34 -15.99
C PHE C 275 4.82 -14.23 -16.57
N ALA C 276 3.86 -13.88 -15.71
CA ALA C 276 2.45 -13.86 -16.13
C ALA C 276 2.16 -12.79 -17.17
N GLN C 277 3.05 -11.81 -17.26
CA GLN C 277 2.93 -10.74 -18.26
C GLN C 277 3.49 -11.14 -19.62
N ARG C 278 4.26 -12.23 -19.67
CA ARG C 278 4.86 -12.67 -20.94
C ARG C 278 3.85 -12.98 -22.06
N PRO C 279 2.75 -13.69 -21.74
CA PRO C 279 1.76 -13.92 -22.79
C PRO C 279 1.28 -12.62 -23.41
N GLY C 280 1.04 -11.60 -22.60
CA GLY C 280 0.58 -10.32 -23.11
C GLY C 280 1.60 -9.63 -24.00
N GLN C 281 2.88 -9.77 -23.66
CA GLN C 281 3.92 -9.17 -24.49
C GLN C 281 3.85 -9.71 -25.91
N LEU C 282 3.69 -11.02 -26.05
CA LEU C 282 3.63 -11.65 -27.38
C LEU C 282 2.31 -11.31 -28.07
N VAL C 283 1.20 -11.52 -27.36
CA VAL C 283 -0.12 -11.26 -27.93
C VAL C 283 -0.31 -9.77 -28.30
N GLY C 284 0.22 -8.87 -27.48
CA GLY C 284 0.15 -7.46 -27.81
C GLY C 284 0.72 -7.16 -29.19
N GLU C 285 1.87 -7.77 -29.48
CA GLU C 285 2.52 -7.59 -30.78
C GLU C 285 1.66 -8.18 -31.91
N TYR C 286 0.99 -9.30 -31.63
CA TYR C 286 0.03 -9.87 -32.58
C TYR C 286 -1.18 -8.96 -32.83
N LEU C 287 -1.74 -8.41 -31.75
CA LEU C 287 -2.91 -7.55 -31.89
C LEU C 287 -2.59 -6.28 -32.67
N LYS C 288 -1.38 -5.77 -32.47
CA LYS C 288 -0.90 -4.60 -33.20
C LYS C 288 -0.88 -4.90 -34.70
N ARG C 289 -0.65 -6.16 -35.05
CA ARG C 289 -0.55 -6.57 -36.47
C ARG C 289 -1.83 -7.14 -37.08
N ASN C 290 -2.90 -7.19 -36.29
CA ASN C 290 -4.19 -7.70 -36.76
C ASN C 290 -5.32 -6.70 -36.58
N ASN C 291 -4.97 -5.41 -36.57
CA ASN C 291 -5.96 -4.35 -36.52
C ASN C 291 -6.74 -4.37 -35.21
N GLY C 292 -6.09 -4.84 -34.16
CA GLY C 292 -6.68 -4.83 -32.82
C GLY C 292 -6.82 -3.42 -32.30
N ILE C 293 -5.86 -2.54 -32.64
CA ILE C 293 -5.89 -1.17 -32.14
C ILE C 293 -5.83 -0.13 -33.25
N ILE C 294 -6.07 1.12 -32.87
CA ILE C 294 -5.80 2.25 -33.74
C ILE C 294 -4.52 2.88 -33.23
N VAL C 295 -3.49 2.93 -34.08
CA VAL C 295 -2.22 3.51 -33.68
C VAL C 295 -2.22 5.02 -33.93
N ARG C 296 -2.47 5.79 -32.87
CA ARG C 296 -2.64 7.23 -32.98
C ARG C 296 -1.31 7.98 -33.01
N ILE D 7 -5.39 -40.78 7.71
CA ILE D 7 -5.10 -40.79 6.28
C ILE D 7 -4.50 -39.45 5.87
N VAL D 8 -3.60 -38.93 6.70
CA VAL D 8 -3.00 -37.62 6.43
C VAL D 8 -2.07 -37.70 5.22
N ASN D 9 -1.83 -36.56 4.58
CA ASN D 9 -0.92 -36.52 3.44
C ASN D 9 0.52 -36.40 3.88
N SER D 10 1.22 -37.54 3.92
CA SER D 10 2.57 -37.63 4.44
C SER D 10 3.55 -36.82 3.60
N HIS D 11 3.18 -36.53 2.35
CA HIS D 11 4.07 -35.79 1.46
C HIS D 11 4.35 -34.38 1.96
N LEU D 12 3.44 -33.86 2.78
CA LEU D 12 3.61 -32.50 3.27
C LEU D 12 4.82 -32.37 4.20
N SER D 13 5.21 -33.45 4.86
CA SER D 13 6.40 -33.41 5.72
C SER D 13 7.67 -33.22 4.89
N GLU D 14 7.59 -33.47 3.59
CA GLU D 14 8.77 -33.28 2.75
C GLU D 14 9.14 -31.81 2.55
N LEU D 15 8.16 -30.93 2.72
CA LEU D 15 8.35 -29.49 2.49
C LEU D 15 9.08 -28.80 3.66
N ASP D 16 9.92 -27.81 3.36
CA ASP D 16 10.50 -26.97 4.41
CA ASP D 16 10.50 -26.98 4.42
C ASP D 16 9.48 -25.91 4.77
N GLU D 17 8.79 -25.45 3.72
CA GLU D 17 7.82 -24.39 3.80
C GLU D 17 6.71 -24.77 2.85
N ASP D 18 5.47 -24.53 3.23
CA ASP D 18 4.36 -24.74 2.29
C ASP D 18 3.90 -23.38 1.77
N VAL D 19 3.96 -23.20 0.46
CA VAL D 19 3.47 -21.96 -0.17
C VAL D 19 1.99 -22.11 -0.52
N PHE D 20 1.15 -21.32 0.14
CA PHE D 20 -0.27 -21.27 -0.19
C PHE D 20 -0.49 -20.34 -1.37
N HIS D 21 -0.33 -20.89 -2.57
CA HIS D 21 -0.21 -20.06 -3.76
C HIS D 21 -1.39 -19.12 -3.96
N HIS D 22 -2.60 -19.60 -3.69
CA HIS D 22 -3.78 -18.83 -4.00
C HIS D 22 -4.17 -17.87 -2.88
N PHE D 23 -3.54 -18.02 -1.72
CA PHE D 23 -3.73 -17.06 -0.63
C PHE D 23 -2.54 -16.10 -0.46
N GLY D 24 -1.45 -16.33 -1.17
CA GLY D 24 -0.33 -15.41 -1.15
C GLY D 24 0.43 -15.35 0.16
N PHE D 25 0.53 -16.47 0.86
CA PHE D 25 1.41 -16.54 2.03
C PHE D 25 1.97 -17.94 2.20
N THR D 26 2.88 -18.12 3.17
CA THR D 26 3.48 -19.42 3.41
C THR D 26 3.48 -19.76 4.89
N THR D 27 3.86 -20.98 5.21
CA THR D 27 3.97 -21.39 6.60
C THR D 27 5.03 -20.60 7.35
N LYS D 28 5.88 -19.87 6.63
CA LYS D 28 6.85 -19.00 7.29
C LYS D 28 6.35 -17.56 7.46
N SER D 29 5.17 -17.25 6.93
CA SER D 29 4.64 -15.88 7.02
C SER D 29 4.24 -15.55 8.46
N PHE D 30 3.70 -16.54 9.15
CA PHE D 30 3.33 -16.40 10.56
C PHE D 30 3.30 -17.77 11.21
N ASP D 31 3.13 -17.80 12.52
CA ASP D 31 3.05 -19.08 13.21
C ASP D 31 1.61 -19.53 13.18
N PHE D 32 1.35 -20.59 12.44
CA PHE D 32 -0.02 -21.01 12.19
C PHE D 32 -0.78 -21.41 13.45
N LYS D 33 -0.10 -22.09 14.37
CA LYS D 33 -0.77 -22.48 15.59
C LYS D 33 -1.23 -21.26 16.41
N GLU D 34 -0.35 -20.28 16.56
CA GLU D 34 -0.70 -19.08 17.32
C GLU D 34 -1.78 -18.26 16.62
N LYS D 35 -1.69 -18.20 15.30
CA LYS D 35 -2.54 -17.30 14.53
C LYS D 35 -3.93 -17.88 14.27
N PHE D 36 -3.98 -19.18 14.01
CA PHE D 36 -5.23 -19.80 13.57
C PHE D 36 -5.73 -20.92 14.48
N GLY D 37 -4.99 -21.19 15.55
CA GLY D 37 -5.25 -22.36 16.37
C GLY D 37 -6.62 -22.39 17.01
N ASP D 38 -7.20 -21.21 17.19
CA ASP D 38 -8.47 -21.08 17.89
C ASP D 38 -9.68 -21.16 16.96
N VAL D 39 -9.44 -21.35 15.66
CA VAL D 39 -10.54 -21.38 14.68
C VAL D 39 -11.43 -22.61 14.83
N LYS D 40 -12.75 -22.38 14.88
CA LYS D 40 -13.73 -23.47 14.91
C LYS D 40 -14.79 -23.36 13.81
N PHE D 41 -14.76 -22.25 13.06
CA PHE D 41 -15.72 -22.01 11.99
C PHE D 41 -15.02 -21.38 10.79
N VAL D 42 -15.36 -21.82 9.60
CA VAL D 42 -14.92 -21.15 8.37
C VAL D 42 -16.16 -20.79 7.54
N CYS D 43 -16.41 -19.49 7.37
CA CYS D 43 -17.50 -19.01 6.54
C CYS D 43 -16.99 -18.64 5.16
N VAL D 44 -17.68 -19.11 4.12
CA VAL D 44 -17.22 -18.91 2.76
C VAL D 44 -18.37 -18.54 1.81
N CYS D 45 -18.05 -17.81 0.75
CA CYS D 45 -18.99 -17.62 -0.36
C CYS D 45 -18.20 -17.22 -1.61
N GLY D 46 -18.91 -17.05 -2.73
CA GLY D 46 -18.22 -16.78 -3.99
C GLY D 46 -17.72 -15.37 -4.16
N SER D 47 -18.14 -14.47 -3.29
CA SER D 47 -17.83 -13.05 -3.43
C SER D 47 -16.91 -12.52 -2.31
N SER D 48 -15.75 -11.99 -2.69
CA SER D 48 -14.86 -11.36 -1.72
C SER D 48 -15.55 -10.20 -0.99
N GLY D 49 -16.29 -9.38 -1.72
CA GLY D 49 -16.96 -8.24 -1.10
C GLY D 49 -18.03 -8.67 -0.10
N ARG D 50 -18.83 -9.66 -0.48
CA ARG D 50 -19.89 -10.14 0.41
C ARG D 50 -19.30 -10.78 1.67
N ILE D 51 -18.24 -11.56 1.51
CA ILE D 51 -17.67 -12.22 2.68
C ILE D 51 -16.95 -11.24 3.60
N HIS D 52 -16.33 -10.22 3.02
CA HIS D 52 -15.73 -9.15 3.83
C HIS D 52 -16.81 -8.42 4.62
N ASN D 53 -17.92 -8.09 3.96
CA ASN D 53 -19.00 -7.38 4.63
C ASN D 53 -19.56 -8.23 5.77
N PHE D 54 -19.62 -9.54 5.57
CA PHE D 54 -20.11 -10.42 6.62
C PHE D 54 -19.14 -10.46 7.80
N ALA D 55 -17.85 -10.51 7.49
CA ALA D 55 -16.83 -10.47 8.54
C ALA D 55 -16.94 -9.17 9.34
N ILE D 56 -17.14 -8.06 8.65
CA ILE D 56 -17.32 -6.76 9.31
C ILE D 56 -18.54 -6.81 10.23
N SER D 57 -19.61 -7.46 9.79
CA SER D 57 -20.81 -7.57 10.61
C SER D 57 -20.57 -8.43 11.85
N MET D 58 -19.81 -9.51 11.69
CA MET D 58 -19.44 -10.34 12.83
C MET D 58 -18.54 -9.59 13.83
N ALA D 59 -17.61 -8.78 13.32
CA ALA D 59 -16.76 -7.97 14.19
C ALA D 59 -17.61 -7.02 15.03
N LYS D 60 -18.64 -6.44 14.42
CA LYS D 60 -19.54 -5.55 15.13
C LYS D 60 -20.29 -6.31 16.22
N LEU D 61 -20.79 -7.51 15.88
CA LEU D 61 -21.45 -8.35 16.87
C LEU D 61 -20.49 -8.70 18.00
N ALA D 62 -19.21 -8.87 17.67
CA ALA D 62 -18.22 -9.25 18.66
C ALA D 62 -17.73 -8.06 19.49
N GLY D 63 -18.14 -6.85 19.13
CA GLY D 63 -17.73 -5.66 19.85
C GLY D 63 -16.31 -5.22 19.51
N LEU D 64 -15.84 -5.64 18.33
CA LEU D 64 -14.51 -5.27 17.85
C LEU D 64 -14.63 -4.08 16.90
N ALA D 65 -13.62 -3.20 16.92
CA ALA D 65 -13.69 -1.96 16.17
C ALA D 65 -12.83 -1.93 14.90
N LEU D 66 -11.51 -1.91 15.08
CA LEU D 66 -10.57 -1.75 13.98
C LEU D 66 -11.01 -2.47 12.71
N PRO D 67 -10.52 -2.01 11.54
CA PRO D 67 -10.91 -2.66 10.29
C PRO D 67 -10.73 -4.17 10.39
N VAL D 68 -11.38 -4.90 9.50
CA VAL D 68 -11.14 -6.33 9.36
C VAL D 68 -10.17 -6.50 8.21
N GLU D 69 -8.91 -6.78 8.54
CA GLU D 69 -7.85 -6.71 7.55
C GLU D 69 -7.66 -8.04 6.83
N ASN D 70 -7.38 -7.94 5.54
CA ASN D 70 -7.11 -9.13 4.73
C ASN D 70 -5.78 -9.77 5.14
N ILE D 71 -5.83 -11.06 5.44
CA ILE D 71 -4.65 -11.83 5.82
C ILE D 71 -3.89 -12.33 4.58
N ALA D 72 -4.62 -12.52 3.49
CA ALA D 72 -4.02 -12.93 2.22
C ALA D 72 -3.04 -11.91 1.67
N GLY D 73 -2.11 -12.38 0.85
CA GLY D 73 -1.06 -11.54 0.29
C GLY D 73 -1.51 -10.76 -0.92
N SER D 74 -0.61 -9.94 -1.45
CA SER D 74 -0.95 -8.95 -2.47
C SER D 74 -1.58 -9.52 -3.74
N HIS D 75 -0.95 -10.53 -4.33
CA HIS D 75 -1.44 -11.08 -5.59
C HIS D 75 -2.25 -12.36 -5.42
N ALA D 76 -2.90 -12.49 -4.27
CA ALA D 76 -3.68 -13.67 -3.98
C ALA D 76 -4.96 -13.68 -4.80
N ARG D 77 -5.46 -14.86 -5.10
CA ARG D 77 -6.75 -14.99 -5.78
C ARG D 77 -7.89 -14.85 -4.80
N PHE D 78 -7.65 -15.29 -3.56
CA PHE D 78 -8.71 -15.31 -2.54
C PHE D 78 -8.40 -14.33 -1.39
N VAL D 79 -9.46 -13.91 -0.70
CA VAL D 79 -9.29 -13.12 0.52
C VAL D 79 -9.41 -14.03 1.74
N LEU D 80 -8.84 -13.59 2.86
CA LEU D 80 -8.94 -14.33 4.11
C LEU D 80 -9.04 -13.36 5.29
N TYR D 81 -10.07 -13.51 6.10
CA TYR D 81 -10.26 -12.65 7.26
C TYR D 81 -10.44 -13.50 8.49
N LYS D 82 -10.18 -12.91 9.66
CA LYS D 82 -10.42 -13.62 10.91
C LYS D 82 -11.10 -12.70 11.92
N VAL D 83 -12.20 -13.17 12.49
CA VAL D 83 -12.86 -12.48 13.59
C VAL D 83 -13.06 -13.50 14.72
N ASP D 84 -12.37 -13.28 15.84
CA ASP D 84 -12.35 -14.26 16.91
C ASP D 84 -12.14 -15.69 16.38
N HIS D 85 -13.04 -16.61 16.70
CA HIS D 85 -12.87 -18.01 16.31
C HIS D 85 -13.40 -18.37 14.92
N ILE D 86 -13.61 -17.34 14.09
CA ILE D 86 -14.14 -17.57 12.74
C ILE D 86 -13.18 -17.11 11.65
N LEU D 87 -12.93 -17.98 10.69
CA LEU D 87 -12.20 -17.62 9.50
C LEU D 87 -13.20 -17.31 8.39
N PHE D 88 -12.85 -16.38 7.48
CA PHE D 88 -13.72 -16.05 6.36
C PHE D 88 -12.92 -16.06 5.07
N ALA D 89 -13.45 -16.70 4.04
CA ALA D 89 -12.75 -16.72 2.75
C ALA D 89 -13.73 -16.75 1.60
N ASP D 90 -13.31 -16.25 0.44
CA ASP D 90 -14.12 -16.43 -0.77
C ASP D 90 -13.62 -17.66 -1.55
N HIS D 91 -14.40 -18.10 -2.51
CA HIS D 91 -14.07 -19.33 -3.25
C HIS D 91 -14.37 -19.25 -4.75
N GLY D 92 -14.67 -18.06 -5.23
CA GLY D 92 -15.04 -17.92 -6.63
C GLY D 92 -16.29 -18.73 -6.96
N MET D 93 -16.45 -19.06 -8.24
CA MET D 93 -17.64 -19.78 -8.70
C MET D 93 -17.26 -21.12 -9.31
N GLY D 94 -17.91 -22.19 -8.83
CA GLY D 94 -17.70 -23.50 -9.42
C GLY D 94 -16.86 -24.42 -8.58
N ILE D 95 -17.03 -25.73 -8.81
CA ILE D 95 -16.36 -26.76 -8.03
C ILE D 95 -14.81 -26.67 -8.06
N PRO D 96 -14.24 -26.49 -9.24
CA PRO D 96 -12.78 -26.41 -9.31
C PRO D 96 -12.22 -25.27 -8.47
N SER D 97 -12.85 -24.10 -8.55
CA SER D 97 -12.40 -22.96 -7.74
C SER D 97 -12.59 -23.25 -6.24
N ALA D 98 -13.75 -23.79 -5.88
CA ALA D 98 -14.00 -24.11 -4.48
C ALA D 98 -12.99 -25.11 -3.94
N LEU D 99 -12.62 -26.09 -4.76
CA LEU D 99 -11.62 -27.10 -4.39
C LEU D 99 -10.24 -26.49 -4.13
N ILE D 100 -9.89 -25.44 -4.88
CA ILE D 100 -8.64 -24.75 -4.61
C ILE D 100 -8.67 -24.15 -3.20
N MET D 101 -9.74 -23.44 -2.89
CA MET D 101 -9.90 -22.85 -1.56
C MET D 101 -9.88 -23.95 -0.50
N LEU D 102 -10.62 -25.02 -0.77
CA LEU D 102 -10.75 -26.09 0.22
C LEU D 102 -9.42 -26.76 0.55
N HIS D 103 -8.61 -27.05 -0.47
CA HIS D 103 -7.30 -27.66 -0.19
C HIS D 103 -6.43 -26.74 0.64
N GLU D 104 -6.38 -25.47 0.27
CA GLU D 104 -5.46 -24.58 0.96
C GLU D 104 -5.99 -24.26 2.38
N VAL D 105 -7.30 -24.03 2.52
CA VAL D 105 -7.83 -23.78 3.86
C VAL D 105 -7.74 -25.03 4.76
N THR D 106 -8.02 -26.22 4.23
CA THR D 106 -7.91 -27.39 5.11
C THR D 106 -6.46 -27.70 5.51
N LYS D 107 -5.49 -27.42 4.63
CA LYS D 107 -4.09 -27.52 5.05
C LYS D 107 -3.76 -26.52 6.14
N LEU D 108 -4.22 -25.29 5.99
CA LEU D 108 -4.02 -24.26 7.02
C LEU D 108 -4.55 -24.74 8.37
N LEU D 109 -5.78 -25.24 8.36
CA LEU D 109 -6.38 -25.72 9.61
C LEU D 109 -5.57 -26.86 10.21
N HIS D 110 -5.08 -27.76 9.37
CA HIS D 110 -4.24 -28.86 9.85
C HIS D 110 -2.95 -28.38 10.53
N TYR D 111 -2.22 -27.51 9.84
CA TYR D 111 -1.00 -26.94 10.38
C TYR D 111 -1.25 -26.21 11.70
N ALA D 112 -2.44 -25.64 11.83
CA ALA D 112 -2.79 -24.85 13.02
C ALA D 112 -3.31 -25.70 14.17
N GLY D 113 -3.52 -26.99 13.90
CA GLY D 113 -4.05 -27.90 14.91
C GLY D 113 -5.56 -27.80 15.12
N CYS D 114 -6.28 -27.24 14.14
CA CYS D 114 -7.73 -27.09 14.25
C CYS D 114 -8.45 -28.37 13.85
N LYS D 115 -9.22 -28.93 14.78
CA LYS D 115 -9.94 -30.16 14.51
C LYS D 115 -11.46 -29.94 14.49
N ASP D 116 -12.16 -30.71 13.67
CA ASP D 116 -13.63 -30.73 13.65
C ASP D 116 -14.22 -29.33 13.49
N VAL D 117 -13.73 -28.61 12.48
CA VAL D 117 -14.20 -27.27 12.19
C VAL D 117 -15.50 -27.32 11.36
N LEU D 118 -16.38 -26.35 11.57
CA LEU D 118 -17.59 -26.25 10.73
C LEU D 118 -17.40 -25.24 9.61
N PHE D 119 -17.47 -25.73 8.38
CA PHE D 119 -17.50 -24.86 7.21
C PHE D 119 -18.94 -24.50 6.90
N ILE D 120 -19.19 -23.22 6.68
CA ILE D 120 -20.52 -22.73 6.38
C ILE D 120 -20.46 -21.97 5.07
N ARG D 121 -21.10 -22.49 4.03
CA ARG D 121 -21.18 -21.74 2.78
C ARG D 121 -22.43 -20.87 2.80
N LEU D 122 -22.21 -19.57 2.64
CA LEU D 122 -23.29 -18.59 2.63
C LEU D 122 -23.46 -18.11 1.20
N GLY D 123 -24.24 -18.80 0.39
CA GLY D 123 -24.26 -18.47 -1.02
C GLY D 123 -25.57 -17.93 -1.56
N THR D 124 -25.63 -17.82 -2.88
CA THR D 124 -26.87 -17.51 -3.59
C THR D 124 -27.17 -18.68 -4.50
N SER D 125 -28.42 -18.77 -4.95
CA SER D 125 -28.85 -19.96 -5.68
C SER D 125 -30.13 -19.68 -6.43
N GLY D 126 -30.45 -20.58 -7.35
CA GLY D 126 -31.75 -20.55 -7.99
C GLY D 126 -32.68 -21.43 -7.20
N GLY D 127 -33.88 -20.94 -6.91
CA GLY D 127 -34.85 -21.72 -6.15
C GLY D 127 -35.70 -22.61 -7.05
N LEU D 128 -36.24 -23.69 -6.49
CA LEU D 128 -37.21 -24.51 -7.20
C LEU D 128 -38.49 -24.51 -6.38
N GLY D 129 -39.51 -23.82 -6.88
CA GLY D 129 -40.80 -23.84 -6.20
C GLY D 129 -40.84 -23.11 -4.87
N VAL D 130 -39.89 -22.19 -4.67
CA VAL D 130 -39.92 -21.31 -3.50
C VAL D 130 -39.76 -19.86 -3.96
N LYS D 131 -40.23 -18.92 -3.14
CA LYS D 131 -40.18 -17.50 -3.51
C LYS D 131 -38.75 -16.95 -3.51
N PRO D 132 -38.47 -16.01 -4.42
CA PRO D 132 -37.16 -15.36 -4.35
C PRO D 132 -36.95 -14.70 -2.99
N GLY D 133 -35.74 -14.87 -2.45
CA GLY D 133 -35.38 -14.34 -1.14
C GLY D 133 -35.50 -15.37 -0.03
N THR D 134 -35.88 -16.59 -0.38
CA THR D 134 -35.97 -17.69 0.59
C THR D 134 -34.59 -18.20 0.95
N ILE D 135 -34.36 -18.50 2.23
CA ILE D 135 -33.12 -19.16 2.63
C ILE D 135 -33.36 -20.67 2.58
N VAL D 136 -32.49 -21.38 1.85
CA VAL D 136 -32.55 -22.83 1.81
C VAL D 136 -31.38 -23.43 2.60
N LEU D 137 -31.69 -24.19 3.63
CA LEU D 137 -30.69 -24.98 4.34
C LEU D 137 -30.60 -26.35 3.67
N SER D 138 -29.47 -26.63 3.02
CA SER D 138 -29.33 -27.90 2.32
C SER D 138 -29.39 -29.05 3.31
N ASP D 139 -30.23 -30.04 3.02
CA ASP D 139 -30.15 -31.28 3.79
C ASP D 139 -29.45 -32.38 3.00
N ARG D 140 -29.15 -32.11 1.75
CA ARG D 140 -28.24 -32.97 1.00
C ARG D 140 -27.72 -32.18 -0.17
N CYS D 141 -26.52 -32.49 -0.61
CA CYS D 141 -25.94 -31.87 -1.80
CA CYS D 141 -25.97 -31.88 -1.81
C CYS D 141 -25.69 -32.94 -2.86
N VAL D 142 -26.26 -32.75 -4.04
CA VAL D 142 -26.20 -33.77 -5.07
C VAL D 142 -25.76 -33.17 -6.39
N ASN D 143 -25.32 -34.03 -7.29
CA ASN D 143 -24.97 -33.55 -8.62
C ASN D 143 -26.21 -33.42 -9.48
N THR D 144 -26.01 -33.10 -10.77
CA THR D 144 -27.13 -32.90 -11.68
C THR D 144 -27.90 -34.19 -12.00
N LYS D 145 -27.40 -35.34 -11.55
CA LYS D 145 -28.12 -36.61 -11.66
C LYS D 145 -28.74 -37.01 -10.32
N LEU D 146 -28.73 -36.07 -9.39
CA LEU D 146 -29.33 -36.25 -8.07
C LEU D 146 -28.56 -37.26 -7.18
N GLU D 147 -27.30 -37.47 -7.50
CA GLU D 147 -26.44 -38.38 -6.75
C GLU D 147 -25.61 -37.61 -5.70
N PRO D 148 -25.59 -38.12 -4.46
CA PRO D 148 -24.86 -37.44 -3.37
C PRO D 148 -23.36 -37.72 -3.43
N TYR D 149 -22.73 -37.31 -4.52
CA TYR D 149 -21.31 -37.51 -4.71
C TYR D 149 -20.68 -36.36 -5.47
N ASN D 150 -19.42 -36.11 -5.16
CA ASN D 150 -18.57 -35.29 -6.02
C ASN D 150 -17.70 -36.22 -6.86
N GLU D 151 -17.56 -35.89 -8.14
CA GLU D 151 -16.75 -36.70 -9.04
C GLU D 151 -15.42 -36.02 -9.31
N LEU D 152 -14.34 -36.81 -9.29
CA LEU D 152 -13.01 -36.31 -9.65
C LEU D 152 -12.34 -37.26 -10.63
N CYS D 153 -11.30 -36.78 -11.31
CA CYS D 153 -10.50 -37.61 -12.19
C CYS D 153 -9.06 -37.43 -11.74
N ILE D 154 -8.52 -38.47 -11.11
CA ILE D 154 -7.21 -38.37 -10.47
C ILE D 154 -6.25 -39.32 -11.15
N LEU D 155 -5.18 -38.76 -11.71
CA LEU D 155 -4.28 -39.52 -12.56
C LEU D 155 -5.06 -40.25 -13.67
N GLY D 156 -6.12 -39.61 -14.17
CA GLY D 156 -6.85 -40.14 -15.31
C GLY D 156 -7.88 -41.19 -14.97
N LYS D 157 -8.10 -41.41 -13.67
CA LYS D 157 -9.04 -42.41 -13.19
C LYS D 157 -10.21 -41.77 -12.43
N PRO D 158 -11.42 -42.28 -12.68
CA PRO D 158 -12.62 -41.76 -12.01
C PRO D 158 -12.67 -42.11 -10.52
N VAL D 159 -13.01 -41.10 -9.71
CA VAL D 159 -13.09 -41.24 -8.27
C VAL D 159 -14.37 -40.52 -7.84
N ARG D 160 -15.08 -41.07 -6.84
CA ARG D 160 -16.27 -40.39 -6.32
C ARG D 160 -16.15 -40.25 -4.81
N ARG D 161 -16.59 -39.12 -4.28
CA ARG D 161 -16.54 -38.86 -2.86
C ARG D 161 -17.91 -38.44 -2.34
N GLN D 162 -18.40 -39.18 -1.34
CA GLN D 162 -19.75 -38.95 -0.84
C GLN D 162 -19.88 -37.57 -0.21
N THR D 163 -21.02 -36.94 -0.44
CA THR D 163 -21.36 -35.67 0.20
C THR D 163 -22.05 -35.94 1.53
N ILE D 164 -21.65 -35.20 2.56
CA ILE D 164 -22.20 -35.38 3.90
C ILE D 164 -22.47 -34.00 4.49
N VAL D 165 -23.75 -33.68 4.69
CA VAL D 165 -24.12 -32.40 5.30
C VAL D 165 -24.24 -32.62 6.80
N ASP D 166 -23.81 -31.65 7.58
CA ASP D 166 -23.93 -31.74 9.04
C ASP D 166 -25.39 -31.47 9.44
N LEU D 167 -26.19 -32.53 9.46
CA LEU D 167 -27.64 -32.35 9.63
C LEU D 167 -28.01 -31.91 11.04
N ASN D 168 -27.21 -32.31 12.01
CA ASN D 168 -27.48 -31.85 13.36
C ASN D 168 -27.46 -30.32 13.42
N THR D 169 -26.51 -29.72 12.71
CA THR D 169 -26.41 -28.26 12.68
C THR D 169 -27.52 -27.65 11.84
N VAL D 170 -27.87 -28.28 10.72
CA VAL D 170 -28.98 -27.80 9.92
C VAL D 170 -30.24 -27.68 10.78
N ASN D 171 -30.53 -28.73 11.55
CA ASN D 171 -31.75 -28.73 12.36
C ASN D 171 -31.71 -27.67 13.45
N GLU D 172 -30.52 -27.45 14.02
CA GLU D 172 -30.38 -26.36 14.96
C GLU D 172 -30.60 -24.99 14.38
N LEU D 173 -30.07 -24.79 13.18
CA LEU D 173 -30.32 -23.54 12.46
C LEU D 173 -31.78 -23.33 12.09
N LYS D 174 -32.46 -24.39 11.67
CA LYS D 174 -33.89 -24.29 11.36
C LYS D 174 -34.67 -23.92 12.63
N LYS D 175 -34.36 -24.58 13.75
CA LYS D 175 -35.06 -24.27 14.98
C LYS D 175 -34.78 -22.84 15.43
N LEU D 176 -33.54 -22.39 15.23
CA LEU D 176 -33.17 -21.01 15.56
C LEU D 176 -34.02 -20.02 14.78
N SER D 177 -34.17 -20.27 13.49
CA SER D 177 -34.91 -19.37 12.61
C SER D 177 -36.39 -19.29 13.01
N GLU D 178 -36.92 -20.38 13.55
CA GLU D 178 -38.31 -20.42 13.97
C GLU D 178 -38.57 -19.49 15.13
N ASN D 179 -37.50 -19.04 15.78
CA ASN D 179 -37.62 -18.13 16.92
C ASN D 179 -37.05 -16.74 16.64
N LEU D 180 -36.52 -16.55 15.43
CA LEU D 180 -36.06 -15.24 15.01
C LEU D 180 -37.13 -14.53 14.20
N SER D 181 -36.85 -13.29 13.79
CA SER D 181 -37.79 -12.51 12.98
C SER D 181 -37.16 -12.11 11.65
N LEU D 182 -37.05 -13.08 10.74
CA LEU D 182 -36.50 -12.80 9.42
C LEU D 182 -37.63 -12.42 8.48
N GLU D 183 -37.29 -11.67 7.43
CA GLU D 183 -38.27 -11.27 6.44
C GLU D 183 -38.42 -12.33 5.35
N CYS D 184 -38.21 -13.59 5.71
CA CYS D 184 -38.24 -14.66 4.71
C CYS D 184 -38.57 -16.03 5.31
N SER D 185 -38.94 -16.97 4.43
CA SER D 185 -39.10 -18.35 4.83
C SER D 185 -37.74 -19.03 4.89
N VAL D 186 -37.61 -20.01 5.77
CA VAL D 186 -36.41 -20.82 5.83
C VAL D 186 -36.79 -22.26 5.50
N VAL D 187 -36.32 -22.74 4.34
CA VAL D 187 -36.71 -24.05 3.83
C VAL D 187 -35.55 -25.03 3.99
N VAL D 188 -35.86 -26.27 4.37
CA VAL D 188 -34.84 -27.31 4.42
C VAL D 188 -35.11 -28.27 3.28
N GLY D 189 -34.16 -28.43 2.38
CA GLY D 189 -34.35 -29.30 1.24
C GLY D 189 -33.04 -29.57 0.52
N GLY D 190 -33.13 -30.31 -0.58
CA GLY D 190 -31.93 -30.69 -1.32
C GLY D 190 -31.38 -29.61 -2.23
N THR D 191 -30.10 -29.72 -2.56
CA THR D 191 -29.44 -28.74 -3.40
C THR D 191 -28.61 -29.41 -4.49
N ILE D 192 -28.88 -29.03 -5.73
CA ILE D 192 -28.08 -29.49 -6.84
C ILE D 192 -26.90 -28.55 -7.05
N ALA D 193 -25.71 -29.11 -7.17
CA ALA D 193 -24.54 -28.36 -7.62
C ALA D 193 -24.27 -28.66 -9.10
N ALA D 194 -24.17 -27.60 -9.92
CA ALA D 194 -23.96 -27.74 -11.35
C ALA D 194 -22.61 -27.18 -11.75
N ASN D 195 -22.12 -27.63 -12.92
CA ASN D 195 -20.81 -27.19 -13.42
C ASN D 195 -20.88 -26.08 -14.47
N ASP D 196 -22.00 -25.34 -14.46
CA ASP D 196 -22.20 -24.15 -15.27
C ASP D 196 -23.41 -23.43 -14.70
N PHE D 197 -23.59 -22.17 -15.08
CA PHE D 197 -24.74 -21.39 -14.64
C PHE D 197 -25.92 -21.60 -15.58
N TYR D 198 -25.62 -21.84 -16.85
CA TYR D 198 -26.66 -21.86 -17.89
C TYR D 198 -27.17 -23.26 -18.23
N GLU D 199 -26.49 -23.97 -19.12
CA GLU D 199 -27.03 -25.21 -19.66
C GLU D 199 -27.21 -26.30 -18.59
N GLU D 200 -26.25 -26.45 -17.69
CA GLU D 200 -26.37 -27.51 -16.68
C GLU D 200 -27.47 -27.20 -15.69
N GLN D 201 -27.85 -25.94 -15.57
CA GLN D 201 -28.93 -25.59 -14.66
C GLN D 201 -30.28 -25.56 -15.38
N GLY D 202 -30.29 -26.05 -16.64
CA GLY D 202 -31.51 -26.06 -17.42
C GLY D 202 -32.02 -24.68 -17.84
N ARG D 203 -31.12 -23.72 -17.94
CA ARG D 203 -31.50 -22.39 -18.39
C ARG D 203 -31.65 -22.34 -19.90
N LEU D 204 -32.71 -21.68 -20.37
CA LEU D 204 -32.97 -21.53 -21.80
C LEU D 204 -32.26 -20.30 -22.38
N ASP D 205 -31.64 -19.50 -21.52
CA ASP D 205 -31.17 -18.16 -21.90
C ASP D 205 -29.65 -18.01 -21.99
N GLY D 206 -28.94 -19.13 -22.17
CA GLY D 206 -27.51 -19.06 -22.42
C GLY D 206 -27.22 -18.73 -23.86
N SER D 207 -25.94 -18.79 -24.24
CA SER D 207 -25.53 -18.57 -25.63
C SER D 207 -25.74 -19.82 -26.46
N ILE D 208 -25.92 -20.95 -25.79
CA ILE D 208 -26.24 -22.21 -26.44
C ILE D 208 -27.35 -22.87 -25.67
N CYS D 209 -28.32 -23.44 -26.37
CA CYS D 209 -29.36 -24.23 -25.72
C CYS D 209 -29.81 -25.36 -26.64
N THR D 210 -29.69 -26.59 -26.15
CA THR D 210 -29.94 -27.78 -26.98
C THR D 210 -31.18 -28.54 -26.52
N PHE D 211 -31.96 -27.92 -25.64
CA PHE D 211 -33.19 -28.55 -25.15
C PHE D 211 -34.41 -27.64 -25.22
N SER D 212 -35.57 -28.24 -25.11
CA SER D 212 -36.83 -27.52 -25.17
C SER D 212 -37.25 -27.10 -23.77
N LYS D 213 -38.19 -26.17 -23.69
CA LYS D 213 -38.74 -25.76 -22.41
C LYS D 213 -39.39 -26.98 -21.72
N GLU D 214 -40.02 -27.82 -22.54
CA GLU D 214 -40.64 -29.05 -22.06
C GLU D 214 -39.62 -29.95 -21.33
N GLU D 215 -38.48 -30.18 -21.97
CA GLU D 215 -37.39 -30.95 -21.39
C GLU D 215 -36.82 -30.29 -20.14
N LYS D 216 -36.73 -28.96 -20.15
CA LYS D 216 -36.27 -28.22 -18.99
C LYS D 216 -37.21 -28.42 -17.80
N LEU D 217 -38.51 -28.31 -18.05
CA LEU D 217 -39.48 -28.41 -16.95
C LEU D 217 -39.55 -29.82 -16.38
N ALA D 218 -39.42 -30.83 -17.24
CA ALA D 218 -39.37 -32.21 -16.76
C ALA D 218 -38.18 -32.42 -15.82
N PHE D 219 -37.04 -31.84 -16.20
CA PHE D 219 -35.82 -31.91 -15.40
C PHE D 219 -36.02 -31.25 -14.03
N LEU D 220 -36.50 -30.00 -14.02
CA LEU D 220 -36.63 -29.27 -12.76
C LEU D 220 -37.77 -29.82 -11.91
N GLN D 221 -38.86 -30.25 -12.54
CA GLN D 221 -39.98 -30.81 -11.79
C GLN D 221 -39.61 -32.14 -11.13
N SER D 222 -38.83 -32.95 -11.85
CA SER D 222 -38.34 -34.21 -11.30
C SER D 222 -37.47 -33.90 -10.08
N ALA D 223 -36.58 -32.92 -10.24
CA ALA D 223 -35.73 -32.48 -9.14
C ALA D 223 -36.58 -32.08 -7.93
N TYR D 224 -37.59 -31.25 -8.19
CA TYR D 224 -38.47 -30.80 -7.11
C TYR D 224 -39.16 -31.99 -6.41
N GLU D 225 -39.62 -32.96 -7.19
CA GLU D 225 -40.27 -34.14 -6.64
C GLU D 225 -39.30 -34.99 -5.81
N HIS D 226 -38.01 -34.90 -6.13
CA HIS D 226 -36.98 -35.58 -5.35
C HIS D 226 -36.46 -34.71 -4.20
N GLY D 227 -37.20 -33.64 -3.89
CA GLY D 227 -36.88 -32.85 -2.71
C GLY D 227 -35.94 -31.68 -2.90
N ILE D 228 -35.48 -31.46 -4.13
CA ILE D 228 -34.55 -30.36 -4.40
C ILE D 228 -35.28 -29.03 -4.30
N ARG D 229 -34.67 -28.05 -3.61
CA ARG D 229 -35.31 -26.75 -3.45
C ARG D 229 -34.43 -25.61 -3.95
N ASN D 230 -33.17 -25.92 -4.26
CA ASN D 230 -32.32 -24.92 -4.88
C ASN D 230 -31.15 -25.50 -5.67
N MET D 231 -30.47 -24.63 -6.40
CA MET D 231 -29.43 -25.08 -7.30
C MET D 231 -28.31 -24.07 -7.28
N GLU D 232 -27.08 -24.55 -7.11
CA GLU D 232 -25.91 -23.67 -7.12
C GLU D 232 -24.74 -24.40 -7.75
N MET D 233 -23.51 -24.03 -7.39
CA MET D 233 -22.36 -24.54 -8.16
C MET D 233 -21.18 -25.11 -7.35
N GLU D 234 -21.30 -25.21 -6.03
CA GLU D 234 -20.16 -25.63 -5.20
C GLU D 234 -20.47 -26.68 -4.13
N GLY D 235 -21.75 -26.91 -3.83
CA GLY D 235 -22.10 -27.70 -2.66
C GLY D 235 -21.46 -29.07 -2.52
N THR D 236 -21.37 -29.81 -3.63
CA THR D 236 -20.85 -31.16 -3.59
C THR D 236 -19.34 -31.20 -3.31
N ALA D 237 -18.63 -30.13 -3.67
CA ALA D 237 -17.21 -30.06 -3.33
C ALA D 237 -17.05 -29.82 -1.85
N ILE D 238 -17.78 -28.84 -1.34
CA ILE D 238 -17.65 -28.45 0.05
C ILE D 238 -18.00 -29.60 0.98
N THR D 239 -19.12 -30.25 0.71
CA THR D 239 -19.65 -31.27 1.63
C THR D 239 -19.02 -32.64 1.46
N SER D 240 -18.20 -32.82 0.43
CA SER D 240 -17.42 -34.05 0.31
C SER D 240 -16.01 -33.88 0.87
N HIS D 241 -15.39 -32.75 0.57
CA HIS D 241 -14.01 -32.52 0.97
C HIS D 241 -13.89 -32.32 2.49
N CYS D 242 -14.81 -31.57 3.07
CA CYS D 242 -14.74 -31.34 4.51
C CYS D 242 -14.78 -32.65 5.30
N TYR D 243 -15.73 -33.51 4.96
CA TYR D 243 -15.84 -34.80 5.64
C TYR D 243 -14.54 -35.60 5.56
N LEU D 244 -13.96 -35.66 4.36
CA LEU D 244 -12.73 -36.40 4.13
C LEU D 244 -11.51 -35.82 4.85
N THR D 245 -11.57 -34.56 5.26
CA THR D 245 -10.46 -33.96 6.01
C THR D 245 -10.78 -33.77 7.49
N GLY D 246 -11.88 -34.39 7.94
CA GLY D 246 -12.20 -34.45 9.35
C GLY D 246 -13.05 -33.30 9.87
N HIS D 247 -13.68 -32.58 8.96
CA HIS D 247 -14.48 -31.41 9.31
C HIS D 247 -15.94 -31.63 8.96
N ARG D 248 -16.77 -30.63 9.28
CA ARG D 248 -18.20 -30.67 9.01
C ARG D 248 -18.54 -29.54 8.04
N ALA D 249 -19.68 -29.63 7.37
CA ALA D 249 -20.04 -28.61 6.41
C ALA D 249 -21.55 -28.46 6.26
N ILE D 250 -21.99 -27.22 6.08
CA ILE D 250 -23.38 -26.93 5.73
C ILE D 250 -23.44 -25.85 4.64
N LEU D 251 -24.56 -25.81 3.93
CA LEU D 251 -24.86 -24.76 2.96
C LEU D 251 -26.08 -23.98 3.44
N VAL D 252 -25.94 -22.66 3.46
CA VAL D 252 -27.03 -21.76 3.79
C VAL D 252 -27.09 -20.73 2.66
N CYS D 253 -27.98 -20.94 1.70
CA CYS D 253 -28.01 -20.11 0.51
C CYS D 253 -29.36 -19.47 0.31
N VAL D 254 -29.38 -18.21 -0.10
CA VAL D 254 -30.64 -17.55 -0.41
C VAL D 254 -30.93 -17.81 -1.88
N THR D 255 -32.21 -17.75 -2.26
CA THR D 255 -32.58 -17.87 -3.65
C THR D 255 -32.78 -16.50 -4.27
N ALA D 256 -32.48 -16.36 -5.56
CA ALA D 256 -32.62 -15.08 -6.25
C ALA D 256 -33.61 -15.11 -7.42
N VAL D 257 -34.23 -16.27 -7.62
CA VAL D 257 -35.18 -16.47 -8.70
C VAL D 257 -35.86 -17.81 -8.44
N ASN D 258 -37.12 -17.92 -8.85
CA ASN D 258 -37.80 -19.22 -8.85
C ASN D 258 -37.67 -19.83 -10.25
N ARG D 259 -36.85 -20.88 -10.37
CA ARG D 259 -36.52 -21.45 -11.67
C ARG D 259 -37.66 -22.20 -12.33
N LEU D 260 -38.70 -22.51 -11.55
CA LEU D 260 -39.91 -23.07 -12.12
C LEU D 260 -40.70 -22.01 -12.88
N GLU D 261 -40.35 -20.75 -12.65
CA GLU D 261 -41.01 -19.62 -13.31
C GLU D 261 -40.14 -18.94 -14.37
N GLY D 262 -38.82 -18.98 -14.20
CA GLY D 262 -37.95 -18.28 -15.13
C GLY D 262 -36.48 -18.56 -14.92
N ASP D 263 -35.64 -17.98 -15.77
CA ASP D 263 -34.20 -18.19 -15.69
C ASP D 263 -33.46 -16.90 -15.35
N GLN D 264 -33.92 -15.79 -15.91
CA GLN D 264 -33.23 -14.52 -15.76
C GLN D 264 -33.25 -14.02 -14.33
N ILE D 265 -32.15 -13.42 -13.89
CA ILE D 265 -32.13 -12.73 -12.62
C ILE D 265 -32.66 -11.31 -12.83
N THR D 266 -33.94 -11.11 -12.56
CA THR D 266 -34.61 -9.85 -12.87
C THR D 266 -34.66 -8.86 -11.69
N ILE D 267 -34.44 -9.37 -10.49
CA ILE D 267 -34.45 -8.48 -9.32
C ILE D 267 -33.33 -7.46 -9.42
N SER D 268 -33.52 -6.31 -8.79
CA SER D 268 -32.53 -5.24 -8.83
C SER D 268 -31.23 -5.66 -8.14
N THR D 269 -30.15 -4.93 -8.43
CA THR D 269 -28.88 -5.18 -7.75
C THR D 269 -29.04 -4.97 -6.25
N ASP D 270 -29.75 -3.91 -5.88
CA ASP D 270 -30.03 -3.65 -4.47
C ASP D 270 -30.81 -4.79 -3.81
N GLU D 271 -31.83 -5.30 -4.49
CA GLU D 271 -32.62 -6.39 -3.92
C GLU D 271 -31.78 -7.65 -3.81
N PHE D 272 -30.98 -7.92 -4.84
CA PHE D 272 -30.08 -9.08 -4.81
C PHE D 272 -29.14 -8.99 -3.62
N THR D 273 -28.63 -7.79 -3.35
CA THR D 273 -27.71 -7.59 -2.24
C THR D 273 -28.41 -7.83 -0.90
N LEU D 274 -29.63 -7.33 -0.76
CA LEU D 274 -30.42 -7.53 0.45
C LEU D 274 -30.67 -9.01 0.69
N PHE D 275 -31.11 -9.70 -0.34
CA PHE D 275 -31.32 -11.15 -0.27
C PHE D 275 -30.05 -11.89 0.15
N ALA D 276 -28.92 -11.52 -0.45
CA ALA D 276 -27.68 -12.25 -0.21
C ALA D 276 -27.16 -12.10 1.21
N GLN D 277 -27.68 -11.10 1.93
CA GLN D 277 -27.25 -10.86 3.30
C GLN D 277 -28.08 -11.65 4.30
N ARG D 278 -29.17 -12.24 3.82
CA ARG D 278 -30.06 -12.98 4.69
C ARG D 278 -29.43 -14.23 5.33
N PRO D 279 -28.65 -15.01 4.57
CA PRO D 279 -28.01 -16.16 5.23
C PRO D 279 -27.12 -15.72 6.39
N GLY D 280 -26.35 -14.65 6.18
CA GLY D 280 -25.51 -14.10 7.23
C GLY D 280 -26.31 -13.65 8.44
N GLN D 281 -27.53 -13.15 8.21
CA GLN D 281 -28.37 -12.68 9.33
C GLN D 281 -28.70 -13.83 10.28
N LEU D 282 -29.02 -14.99 9.72
CA LEU D 282 -29.33 -16.17 10.52
C LEU D 282 -28.05 -16.78 11.11
N VAL D 283 -27.06 -16.97 10.26
CA VAL D 283 -25.81 -17.61 10.70
C VAL D 283 -25.07 -16.79 11.76
N GLY D 284 -25.13 -15.47 11.63
CA GLY D 284 -24.48 -14.61 12.59
C GLY D 284 -24.96 -14.85 14.01
N GLU D 285 -26.29 -14.97 14.17
CA GLU D 285 -26.82 -15.23 15.51
C GLU D 285 -26.44 -16.63 15.99
N TYR D 286 -26.39 -17.59 15.07
CA TYR D 286 -25.94 -18.93 15.40
C TYR D 286 -24.51 -18.90 15.89
N LEU D 287 -23.66 -18.15 15.19
CA LEU D 287 -22.26 -18.07 15.61
C LEU D 287 -22.12 -17.44 16.98
N LYS D 288 -22.94 -16.45 17.26
CA LYS D 288 -22.91 -15.80 18.56
C LYS D 288 -23.27 -16.77 19.68
N ARG D 289 -24.29 -17.61 19.44
CA ARG D 289 -24.77 -18.53 20.48
C ARG D 289 -23.88 -19.75 20.65
N ASN D 290 -23.01 -19.98 19.67
CA ASN D 290 -22.14 -21.16 19.67
C ASN D 290 -20.66 -20.82 19.72
N ASN D 291 -20.37 -19.68 20.35
CA ASN D 291 -19.00 -19.28 20.65
C ASN D 291 -18.11 -19.09 19.43
N GLY D 292 -18.68 -18.60 18.34
CA GLY D 292 -17.88 -18.23 17.19
C GLY D 292 -17.14 -16.93 17.48
N ILE D 293 -17.83 -16.02 18.17
CA ILE D 293 -17.22 -14.77 18.60
C ILE D 293 -17.16 -14.74 20.12
N ILE D 294 -16.24 -13.93 20.63
CA ILE D 294 -16.04 -13.79 22.08
C ILE D 294 -17.04 -12.79 22.62
N VAL D 295 -17.43 -12.98 23.87
CA VAL D 295 -18.39 -12.11 24.53
C VAL D 295 -17.72 -10.82 25.00
N ARG D 296 -18.25 -9.68 24.55
CA ARG D 296 -17.73 -8.38 24.95
C ARG D 296 -18.87 -7.40 25.20
#